data_1QVT
#
_entry.id   1QVT
#
_cell.length_a   172.300
_cell.length_b   172.300
_cell.length_c   94.750
_cell.angle_alpha   90.00
_cell.angle_beta   90.00
_cell.angle_gamma   90.00
#
_symmetry.space_group_name_H-M   'P 42 21 2'
#
loop_
_entity.id
_entity.type
_entity.pdbx_description
1 polymer 'Transcriptional regulator qacR'
2 non-polymer 'SULFATE ION'
3 non-polymer PROFLAVIN
4 water water
#
_entity_poly.entity_id   1
_entity_poly.type   'polypeptide(L)'
_entity_poly.pdbx_seq_one_letter_code
;MNLKDKILGVAKELFIKNGYNATTTGEIVKLSESSKGNLYYHFKTKENLFLEILNIEESKWQEQWKKEQIKCKTNREKFY
LYNELSLTTEYYYPLQNAIIEFYTEYYKTNSINEKMNKLENKYIDAYHVIFKEGNLNGEWSINDVNAVSKIAANAVNGIV
TFTHEQNINERIKLMNKFSQIFLNGLSKHHHHHH
;
_entity_poly.pdbx_strand_id   B,D,A,E
#
loop_
_chem_comp.id
_chem_comp.type
_chem_comp.name
_chem_comp.formula
PRL non-polymer PROFLAVIN 'C13 H11 N3'
SO4 non-polymer 'SULFATE ION' 'O4 S -2'
#
# COMPACT_ATOMS: atom_id res chain seq x y z
N ASN A 2 29.82 31.76 30.94
CA ASN A 2 28.73 32.78 30.79
C ASN A 2 27.38 32.08 31.04
N LEU A 3 26.28 32.82 30.90
CA LEU A 3 24.94 32.26 31.09
C LEU A 3 24.08 32.50 29.85
N LYS A 4 23.75 33.76 29.60
CA LYS A 4 22.94 34.12 28.44
C LYS A 4 23.71 33.89 27.14
N ASP A 5 24.80 33.12 27.24
CA ASP A 5 25.61 32.79 26.07
C ASP A 5 25.89 31.30 26.07
N LYS A 6 25.70 30.65 27.21
CA LYS A 6 25.91 29.21 27.30
C LYS A 6 24.61 28.54 26.88
N ILE A 7 23.51 29.27 27.07
CA ILE A 7 22.18 28.78 26.69
C ILE A 7 22.19 28.83 25.17
N LEU A 8 22.47 30.02 24.64
CA LEU A 8 22.53 30.24 23.19
C LEU A 8 23.38 29.19 22.49
N GLY A 9 24.20 28.49 23.26
CA GLY A 9 25.05 27.46 22.69
C GLY A 9 24.50 26.07 22.87
N VAL A 10 23.86 25.82 24.01
CA VAL A 10 23.29 24.50 24.27
C VAL A 10 22.11 24.30 23.33
N ALA A 11 21.40 25.40 23.06
CA ALA A 11 20.26 25.38 22.17
C ALA A 11 20.73 25.01 20.77
N LYS A 12 21.66 25.79 20.24
CA LYS A 12 22.20 25.53 18.91
C LYS A 12 22.49 24.03 18.74
N GLU A 13 23.19 23.44 19.69
CA GLU A 13 23.53 22.02 19.60
C GLU A 13 22.31 21.13 19.48
N LEU A 14 21.28 21.42 20.26
CA LEU A 14 20.06 20.62 20.21
C LEU A 14 19.28 20.87 18.92
N PHE A 15 19.06 22.14 18.60
CA PHE A 15 18.36 22.50 17.38
C PHE A 15 18.96 21.75 16.20
N ILE A 16 20.28 21.59 16.21
CA ILE A 16 20.97 20.90 15.13
C ILE A 16 20.84 19.39 15.28
N LYS A 17 21.28 18.86 16.42
CA LYS A 17 21.20 17.41 16.65
C LYS A 17 19.79 16.92 16.33
N ASN A 18 18.82 17.35 17.11
CA ASN A 18 17.42 16.96 16.90
C ASN A 18 16.84 17.94 15.88
N GLY A 19 15.70 18.55 16.22
CA GLY A 19 15.10 19.49 15.32
C GLY A 19 14.62 20.70 16.10
N TYR A 20 13.79 21.53 15.48
CA TYR A 20 13.27 22.70 16.18
C TYR A 20 12.31 22.32 17.30
N ASN A 21 11.27 21.55 16.97
CA ASN A 21 10.27 21.13 17.94
C ASN A 21 10.84 20.09 18.91
N ALA A 22 11.47 19.05 18.37
CA ALA A 22 12.04 17.99 19.20
C ALA A 22 12.80 18.54 20.40
N THR A 23 13.42 19.70 20.23
CA THR A 23 14.19 20.32 21.31
C THR A 23 13.28 21.25 22.09
N THR A 24 13.14 20.99 23.39
CA THR A 24 12.27 21.80 24.24
C THR A 24 13.00 22.67 25.25
N THR A 25 12.45 23.84 25.55
CA THR A 25 13.05 24.74 26.52
C THR A 25 13.33 23.92 27.77
N GLY A 26 12.46 22.96 28.05
CA GLY A 26 12.66 22.11 29.20
C GLY A 26 14.04 21.47 29.09
N GLU A 27 14.27 20.79 27.98
CA GLU A 27 15.56 20.14 27.74
C GLU A 27 16.70 21.15 27.90
N ILE A 28 16.67 22.21 27.10
CA ILE A 28 17.70 23.26 27.15
C ILE A 28 18.22 23.45 28.57
N VAL A 29 17.31 23.67 29.50
CA VAL A 29 17.65 23.89 30.90
C VAL A 29 18.47 22.77 31.54
N LYS A 30 17.96 21.55 31.54
CA LYS A 30 18.67 20.44 32.17
C LYS A 30 20.16 20.33 31.83
N LEU A 31 20.57 20.81 30.67
CA LEU A 31 21.98 20.76 30.28
C LEU A 31 22.60 22.14 30.15
N SER A 32 22.01 23.12 30.84
CA SER A 32 22.50 24.48 30.81
C SER A 32 22.17 25.18 32.14
N GLU A 33 21.65 24.40 33.08
CA GLU A 33 21.27 24.85 34.42
C GLU A 33 20.82 26.31 34.55
N SER A 34 19.51 26.53 34.38
CA SER A 34 18.93 27.86 34.50
C SER A 34 17.42 27.79 34.62
N SER A 35 16.90 28.48 35.63
CA SER A 35 15.46 28.52 35.84
C SER A 35 14.78 28.87 34.53
N LYS A 36 13.57 28.35 34.36
CA LYS A 36 12.80 28.61 33.17
C LYS A 36 12.80 30.11 32.89
N GLY A 37 12.48 30.91 33.92
CA GLY A 37 12.43 32.34 33.76
C GLY A 37 13.66 32.96 33.13
N ASN A 38 14.83 32.42 33.45
CA ASN A 38 16.09 32.91 32.90
C ASN A 38 15.93 33.12 31.40
N LEU A 39 15.51 32.04 30.75
CA LEU A 39 15.30 32.02 29.30
C LEU A 39 14.28 33.06 28.86
N TYR A 40 13.57 33.66 29.80
CA TYR A 40 12.53 34.65 29.47
C TYR A 40 12.95 36.12 29.29
N TYR A 41 13.79 36.65 30.18
CA TYR A 41 14.20 38.05 30.08
C TYR A 41 14.86 38.37 28.73
N HIS A 42 16.01 37.76 28.46
CA HIS A 42 16.72 38.02 27.21
C HIS A 42 16.10 37.33 25.99
N PHE A 43 15.43 36.22 26.24
CA PHE A 43 14.74 35.46 25.18
C PHE A 43 13.25 35.48 25.50
N LYS A 44 12.46 36.17 24.69
CA LYS A 44 11.02 36.21 24.94
C LYS A 44 10.38 34.85 24.62
N THR A 45 10.01 34.65 23.36
CA THR A 45 9.41 33.40 22.92
C THR A 45 10.51 32.38 22.60
N LYS A 46 10.12 31.15 22.22
CA LYS A 46 11.10 30.13 21.86
C LYS A 46 11.59 30.46 20.46
N GLU A 47 10.72 31.06 19.66
CA GLU A 47 11.08 31.44 18.30
C GLU A 47 11.94 32.70 18.40
N ASN A 48 12.23 33.09 19.63
CA ASN A 48 13.05 34.26 19.91
C ASN A 48 14.47 33.74 20.08
N LEU A 49 14.62 32.74 20.95
CA LEU A 49 15.93 32.13 21.20
C LEU A 49 16.45 31.52 19.90
N PHE A 50 15.54 31.01 19.09
CA PHE A 50 15.93 30.40 17.83
C PHE A 50 16.23 31.49 16.81
N LEU A 51 15.27 32.38 16.59
CA LEU A 51 15.45 33.47 15.64
C LEU A 51 16.72 34.24 16.04
N GLU A 52 17.17 33.99 17.27
CA GLU A 52 18.38 34.60 17.81
C GLU A 52 19.58 33.89 17.20
N ILE A 53 19.75 32.62 17.58
CA ILE A 53 20.84 31.80 17.09
C ILE A 53 21.09 32.03 15.61
N LEU A 54 20.03 32.00 14.81
CA LEU A 54 20.20 32.22 13.37
C LEU A 54 21.02 33.48 13.13
N ASN A 55 20.64 34.59 13.78
CA ASN A 55 21.39 35.83 13.60
C ASN A 55 22.88 35.62 13.87
N ILE A 56 23.19 35.10 15.06
CA ILE A 56 24.57 34.81 15.43
C ILE A 56 25.26 34.01 14.30
N GLU A 57 24.65 32.90 13.92
CA GLU A 57 25.19 32.05 12.87
C GLU A 57 25.43 32.83 11.59
N GLU A 58 24.39 33.46 11.06
CA GLU A 58 24.52 34.23 9.82
C GLU A 58 25.69 35.22 9.93
N SER A 59 25.82 35.86 11.10
CA SER A 59 26.90 36.81 11.31
C SER A 59 28.25 36.11 11.27
N LYS A 60 28.44 35.12 12.14
CA LYS A 60 29.67 34.36 12.18
C LYS A 60 30.07 33.90 10.78
N TRP A 61 29.13 33.34 10.03
CA TRP A 61 29.43 32.85 8.69
C TRP A 61 29.84 33.99 7.77
N GLN A 62 29.07 35.08 7.79
CA GLN A 62 29.37 36.22 6.93
C GLN A 62 30.75 36.79 7.23
N GLU A 63 31.17 36.60 8.47
CA GLU A 63 32.47 37.07 8.93
C GLU A 63 33.58 36.16 8.42
N GLN A 64 33.37 34.85 8.58
CA GLN A 64 34.32 33.84 8.14
C GLN A 64 34.58 33.99 6.66
N TRP A 65 33.52 34.28 5.91
CA TRP A 65 33.59 34.46 4.46
C TRP A 65 34.47 35.64 4.10
N LYS A 66 34.30 36.73 4.80
CA LYS A 66 35.06 37.94 4.52
C LYS A 66 36.55 37.77 4.83
N LYS A 67 36.88 37.10 5.94
CA LYS A 67 38.28 36.87 6.29
C LYS A 67 38.76 35.67 5.45
N GLU A 68 38.02 35.36 4.39
CA GLU A 68 38.36 34.20 3.60
C GLU A 68 38.21 34.41 2.11
N GLN A 69 37.57 35.50 1.72
CA GLN A 69 37.36 35.75 0.29
C GLN A 69 38.56 36.42 -0.37
N ILE A 70 39.54 36.80 0.45
CA ILE A 70 40.72 37.45 -0.08
C ILE A 70 41.44 36.48 -0.99
N LYS A 71 41.25 35.19 -0.73
CA LYS A 71 41.89 34.18 -1.53
C LYS A 71 41.31 34.18 -2.94
N CYS A 72 40.29 35.00 -3.15
CA CYS A 72 39.66 35.10 -4.48
C CYS A 72 39.92 36.48 -5.10
N LYS A 73 40.67 36.49 -6.20
CA LYS A 73 41.05 37.71 -6.90
C LYS A 73 39.89 38.41 -7.63
N THR A 74 39.14 37.62 -8.39
CA THR A 74 38.01 38.15 -9.14
C THR A 74 36.74 37.79 -8.39
N ASN A 75 35.63 38.40 -8.80
CA ASN A 75 34.34 38.13 -8.19
C ASN A 75 33.87 36.77 -8.64
N ARG A 76 34.13 36.46 -9.92
CA ARG A 76 33.78 35.15 -10.47
C ARG A 76 34.39 34.10 -9.53
N GLU A 77 35.60 34.39 -9.06
CA GLU A 77 36.25 33.49 -8.15
C GLU A 77 35.52 33.55 -6.81
N LYS A 78 35.17 34.76 -6.37
CA LYS A 78 34.44 34.91 -5.10
C LYS A 78 33.13 34.10 -5.11
N PHE A 79 32.34 34.28 -6.18
CA PHE A 79 31.10 33.54 -6.32
C PHE A 79 31.42 32.07 -6.06
N TYR A 80 32.19 31.48 -6.99
CA TYR A 80 32.63 30.08 -6.92
C TYR A 80 33.04 29.59 -5.52
N LEU A 81 33.80 30.42 -4.81
CA LEU A 81 34.29 30.09 -3.48
C LEU A 81 33.26 30.11 -2.37
N TYR A 82 32.33 31.05 -2.42
CA TYR A 82 31.28 31.16 -1.38
C TYR A 82 30.45 29.89 -1.41
N ASN A 83 30.15 29.43 -2.61
CA ASN A 83 29.35 28.24 -2.77
C ASN A 83 30.11 27.00 -2.31
N GLU A 84 31.42 26.96 -2.53
CA GLU A 84 32.19 25.81 -2.06
C GLU A 84 32.19 25.86 -0.54
N LEU A 85 32.72 26.96 0.00
CA LEU A 85 32.81 27.11 1.43
C LEU A 85 31.46 26.86 2.07
N SER A 86 30.38 27.20 1.35
CA SER A 86 29.02 26.99 1.85
C SER A 86 28.82 25.55 2.32
N LEU A 87 29.48 24.63 1.61
CA LEU A 87 29.39 23.21 1.90
C LEU A 87 30.22 22.74 3.10
N THR A 88 31.25 23.50 3.47
CA THR A 88 32.13 23.09 4.56
C THR A 88 32.03 23.79 5.89
N THR A 89 31.61 25.06 5.88
CA THR A 89 31.46 25.82 7.13
C THR A 89 30.82 25.00 8.23
N GLU A 90 30.78 25.57 9.44
CA GLU A 90 30.13 24.91 10.54
C GLU A 90 29.08 25.91 10.99
N TYR A 91 28.91 26.96 10.19
CA TYR A 91 27.97 28.00 10.50
C TYR A 91 26.70 28.04 9.66
N TYR A 92 25.67 28.63 10.26
CA TYR A 92 24.37 28.81 9.62
C TYR A 92 23.78 27.61 8.89
N TYR A 93 24.37 27.21 7.77
CA TYR A 93 23.88 26.09 6.98
C TYR A 93 23.51 24.81 7.74
N PRO A 94 24.25 24.48 8.81
CA PRO A 94 23.87 23.25 9.52
C PRO A 94 22.51 23.40 10.19
N LEU A 95 21.94 24.61 10.13
CA LEU A 95 20.65 24.86 10.75
C LEU A 95 19.51 25.03 9.75
N GLN A 96 19.79 24.84 8.46
CA GLN A 96 18.76 24.98 7.43
C GLN A 96 17.57 24.05 7.68
N ASN A 97 17.85 22.86 8.20
CA ASN A 97 16.82 21.89 8.50
C ASN A 97 15.84 22.41 9.52
N ALA A 98 16.36 22.76 10.69
CA ALA A 98 15.51 23.28 11.76
C ALA A 98 14.77 24.53 11.29
N ILE A 99 15.38 25.27 10.37
CA ILE A 99 14.74 26.46 9.85
C ILE A 99 13.50 26.01 9.08
N ILE A 100 13.67 25.05 8.17
CA ILE A 100 12.58 24.52 7.37
C ILE A 100 11.40 24.13 8.25
N GLU A 101 11.70 23.38 9.31
CA GLU A 101 10.71 22.92 10.26
C GLU A 101 10.07 24.12 10.95
N PHE A 102 10.90 24.92 11.59
CA PHE A 102 10.44 26.09 12.30
C PHE A 102 9.50 26.97 11.49
N TYR A 103 9.78 27.16 10.21
CA TYR A 103 8.91 28.00 9.40
C TYR A 103 7.55 27.36 9.15
N THR A 104 7.49 26.03 9.12
CA THR A 104 6.22 25.35 8.90
C THR A 104 5.35 25.43 10.14
N GLU A 105 5.99 25.60 11.29
CA GLU A 105 5.28 25.67 12.57
C GLU A 105 5.16 27.10 13.09
N TYR A 106 5.15 28.07 12.18
CA TYR A 106 5.03 29.46 12.58
C TYR A 106 4.67 30.39 11.42
N TYR A 107 4.41 29.81 10.25
CA TYR A 107 4.08 30.65 9.11
C TYR A 107 2.69 31.27 9.28
N LYS A 108 1.90 30.66 10.17
CA LYS A 108 0.54 31.11 10.45
C LYS A 108 0.48 32.33 11.36
N THR A 109 1.63 32.74 11.90
CA THR A 109 1.71 33.94 12.74
C THR A 109 2.28 35.05 11.84
N ASN A 110 2.30 36.29 12.33
CA ASN A 110 2.79 37.38 11.48
C ASN A 110 4.25 37.80 11.66
N SER A 111 4.73 37.88 12.89
CA SER A 111 6.12 38.28 13.16
C SER A 111 7.12 37.37 12.43
N ILE A 112 6.61 36.28 11.83
CA ILE A 112 7.43 35.32 11.10
C ILE A 112 7.93 35.81 9.74
N ASN A 113 7.00 36.17 8.88
CA ASN A 113 7.34 36.65 7.55
C ASN A 113 8.34 37.82 7.51
N GLU A 114 8.37 38.62 8.58
CA GLU A 114 9.29 39.76 8.65
C GLU A 114 10.71 39.33 9.04
N LYS A 115 10.88 38.88 10.27
CA LYS A 115 12.19 38.43 10.73
C LYS A 115 12.75 37.44 9.71
N MET A 116 11.87 36.54 9.27
CA MET A 116 12.20 35.50 8.30
C MET A 116 12.35 36.15 6.92
N ASN A 117 12.66 37.44 6.91
CA ASN A 117 12.85 38.19 5.67
C ASN A 117 13.82 39.34 5.94
N LYS A 118 14.01 39.68 7.21
CA LYS A 118 14.94 40.73 7.58
C LYS A 118 16.29 40.02 7.50
N LEU A 119 16.31 38.80 8.02
CA LEU A 119 17.51 37.97 8.02
C LEU A 119 17.81 37.52 6.59
N GLU A 120 16.79 37.49 5.73
CA GLU A 120 17.01 37.06 4.35
C GLU A 120 17.91 38.07 3.62
N ASN A 121 17.91 39.31 4.09
CA ASN A 121 18.74 40.34 3.48
C ASN A 121 20.21 40.13 3.77
N LYS A 122 20.50 39.45 4.87
CA LYS A 122 21.86 39.12 5.27
C LYS A 122 22.29 37.97 4.35
N TYR A 123 21.47 36.93 4.36
CA TYR A 123 21.58 35.70 3.58
C TYR A 123 22.02 35.97 2.13
N ILE A 124 21.39 36.94 1.50
CA ILE A 124 21.69 37.27 0.11
C ILE A 124 22.72 38.37 -0.05
N ASP A 125 23.09 39.04 1.03
CA ASP A 125 24.04 40.13 0.92
C ASP A 125 25.28 39.74 0.13
N ALA A 126 26.03 38.75 0.62
CA ALA A 126 27.23 38.31 -0.07
C ALA A 126 27.05 38.25 -1.59
N TYR A 127 25.95 37.68 -2.05
CA TYR A 127 25.70 37.58 -3.49
C TYR A 127 25.49 38.94 -4.12
N HIS A 128 24.84 39.84 -3.37
CA HIS A 128 24.57 41.17 -3.87
C HIS A 128 25.90 41.89 -4.09
N VAL A 129 26.77 41.79 -3.08
CA VAL A 129 28.09 42.40 -3.19
C VAL A 129 28.80 41.74 -4.39
N ILE A 130 28.99 40.42 -4.33
CA ILE A 130 29.65 39.71 -5.40
C ILE A 130 29.11 40.12 -6.77
N PHE A 131 27.78 40.20 -6.91
CA PHE A 131 27.19 40.56 -8.20
C PHE A 131 27.30 42.04 -8.57
N LYS A 132 27.03 42.94 -7.63
CA LYS A 132 27.13 44.36 -7.94
C LYS A 132 28.58 44.68 -8.32
N GLU A 133 29.50 44.34 -7.43
CA GLU A 133 30.93 44.58 -7.63
C GLU A 133 31.37 44.03 -8.99
N GLY A 134 30.77 42.90 -9.38
CA GLY A 134 31.09 42.30 -10.67
C GLY A 134 30.68 43.22 -11.80
N ASN A 135 29.60 43.98 -11.59
CA ASN A 135 29.13 44.92 -12.61
C ASN A 135 30.05 46.12 -12.56
N LEU A 136 30.40 46.52 -11.34
CA LEU A 136 31.29 47.64 -11.11
C LEU A 136 32.67 47.27 -11.66
N ASN A 137 32.85 46.00 -12.01
CA ASN A 137 34.13 45.53 -12.54
C ASN A 137 34.03 44.82 -13.89
N GLY A 138 32.91 44.99 -14.57
CA GLY A 138 32.71 44.40 -15.88
C GLY A 138 32.82 42.88 -16.06
N GLU A 139 32.84 42.13 -14.97
CA GLU A 139 32.93 40.67 -15.08
C GLU A 139 31.68 40.11 -15.75
N TRP A 140 30.60 40.87 -15.67
CA TRP A 140 29.31 40.51 -16.26
C TRP A 140 28.39 41.73 -16.20
N SER A 141 27.15 41.55 -16.60
CA SER A 141 26.18 42.64 -16.61
C SER A 141 24.84 42.21 -16.04
N ILE A 142 24.65 42.46 -14.74
CA ILE A 142 23.41 42.07 -14.07
C ILE A 142 22.45 43.25 -13.95
N ASN A 143 21.31 43.16 -14.63
CA ASN A 143 20.29 44.21 -14.58
C ASN A 143 19.46 44.08 -13.30
N ASP A 144 19.05 42.85 -13.00
CA ASP A 144 18.23 42.53 -11.83
C ASP A 144 19.04 41.90 -10.70
N VAL A 145 20.02 42.62 -10.18
CA VAL A 145 20.88 42.06 -9.14
C VAL A 145 20.22 41.36 -7.96
N ASN A 146 19.23 42.00 -7.33
CA ASN A 146 18.58 41.37 -6.17
C ASN A 146 17.82 40.11 -6.51
N ALA A 147 17.35 40.04 -7.75
CA ALA A 147 16.62 38.88 -8.23
C ALA A 147 17.67 37.76 -8.30
N VAL A 148 18.73 38.03 -9.04
CA VAL A 148 19.83 37.08 -9.22
C VAL A 148 20.47 36.68 -7.89
N SER A 149 20.61 37.63 -6.97
CA SER A 149 21.21 37.31 -5.69
C SER A 149 20.32 36.36 -4.89
N LYS A 150 19.01 36.61 -4.90
CA LYS A 150 18.10 35.75 -4.17
C LYS A 150 18.09 34.35 -4.80
N ILE A 151 18.00 34.29 -6.14
CA ILE A 151 17.98 33.02 -6.83
C ILE A 151 19.22 32.21 -6.49
N ALA A 152 20.36 32.89 -6.54
CA ALA A 152 21.66 32.28 -6.22
C ALA A 152 21.64 31.71 -4.82
N ALA A 153 21.47 32.59 -3.83
CA ALA A 153 21.45 32.15 -2.45
C ALA A 153 20.59 30.92 -2.27
N ASN A 154 19.35 31.01 -2.72
CA ASN A 154 18.46 29.89 -2.52
C ASN A 154 18.87 28.64 -3.23
N ALA A 155 19.24 28.75 -4.50
CA ALA A 155 19.68 27.60 -5.28
C ALA A 155 20.76 26.89 -4.49
N VAL A 156 21.82 27.63 -4.17
CA VAL A 156 22.94 27.10 -3.42
C VAL A 156 22.53 26.41 -2.13
N ASN A 157 21.72 27.08 -1.32
CA ASN A 157 21.27 26.49 -0.06
C ASN A 157 20.73 25.10 -0.38
N GLY A 158 20.03 25.03 -1.51
CA GLY A 158 19.46 23.76 -1.94
C GLY A 158 20.51 22.69 -2.13
N ILE A 159 21.52 22.98 -2.95
CA ILE A 159 22.57 22.02 -3.19
C ILE A 159 23.25 21.62 -1.89
N VAL A 160 23.50 22.62 -1.03
CA VAL A 160 24.14 22.35 0.24
C VAL A 160 23.26 21.49 1.11
N THR A 161 21.98 21.82 1.13
CA THR A 161 21.03 21.12 2.00
C THR A 161 20.48 19.78 1.58
N PHE A 162 20.14 19.60 0.31
CA PHE A 162 19.55 18.33 -0.16
C PHE A 162 20.47 17.36 -0.88
N THR A 163 21.74 17.35 -0.49
CA THR A 163 22.74 16.44 -1.03
C THR A 163 23.60 16.08 0.16
N HIS A 164 23.14 16.47 1.35
CA HIS A 164 23.84 16.23 2.61
C HIS A 164 23.93 14.76 3.00
N GLU A 165 24.90 14.07 2.43
CA GLU A 165 25.14 12.65 2.69
C GLU A 165 26.18 12.10 1.73
N GLN A 166 25.89 12.12 0.44
CA GLN A 166 26.83 11.63 -0.56
C GLN A 166 28.20 12.23 -0.27
N ASN A 167 29.23 11.38 -0.28
CA ASN A 167 30.60 11.78 -0.03
C ASN A 167 30.88 13.27 -0.26
N ILE A 168 31.38 13.93 0.79
CA ILE A 168 31.67 15.36 0.78
C ILE A 168 32.34 15.96 -0.46
N ASN A 169 33.06 15.17 -1.23
CA ASN A 169 33.73 15.72 -2.40
C ASN A 169 32.87 15.70 -3.66
N GLU A 170 31.87 14.83 -3.65
CA GLU A 170 30.94 14.70 -4.76
C GLU A 170 30.20 16.05 -4.80
N ARG A 171 29.86 16.54 -3.60
CA ARG A 171 29.14 17.80 -3.38
C ARG A 171 29.91 18.99 -3.97
N ILE A 172 31.15 19.12 -3.51
CA ILE A 172 32.02 20.19 -3.96
C ILE A 172 32.11 20.17 -5.47
N LYS A 173 32.08 18.97 -6.07
CA LYS A 173 32.17 18.86 -7.52
C LYS A 173 30.95 19.54 -8.14
N LEU A 174 29.77 19.01 -7.83
CA LEU A 174 28.51 19.52 -8.33
C LEU A 174 28.42 21.02 -8.08
N MET A 175 28.66 21.42 -6.83
CA MET A 175 28.58 22.83 -6.50
C MET A 175 29.36 23.69 -7.46
N ASN A 176 30.53 23.22 -7.87
CA ASN A 176 31.34 23.99 -8.80
C ASN A 176 30.76 24.00 -10.20
N LYS A 177 30.13 22.89 -10.59
CA LYS A 177 29.52 22.80 -11.91
C LYS A 177 28.35 23.77 -11.94
N PHE A 178 27.72 23.92 -10.76
CA PHE A 178 26.61 24.84 -10.64
C PHE A 178 27.11 26.27 -10.84
N SER A 179 28.05 26.70 -9.98
CA SER A 179 28.64 28.03 -10.05
C SER A 179 29.07 28.32 -11.48
N GLN A 180 29.50 27.27 -12.16
CA GLN A 180 29.97 27.37 -13.52
C GLN A 180 28.79 27.74 -14.40
N ILE A 181 27.85 26.82 -14.50
CA ILE A 181 26.65 27.02 -15.30
C ILE A 181 25.95 28.35 -14.98
N PHE A 182 25.78 28.66 -13.70
CA PHE A 182 25.08 29.89 -13.34
C PHE A 182 25.72 31.09 -13.96
N LEU A 183 27.00 31.30 -13.67
CA LEU A 183 27.72 32.44 -14.23
C LEU A 183 27.67 32.47 -15.76
N ASN A 184 27.88 31.33 -16.40
CA ASN A 184 27.85 31.30 -17.85
C ASN A 184 26.49 31.73 -18.38
N GLY A 185 25.47 31.66 -17.52
CA GLY A 185 24.16 32.06 -17.95
C GLY A 185 23.87 33.54 -17.73
N LEU A 186 24.74 34.21 -16.98
CA LEU A 186 24.54 35.61 -16.71
C LEU A 186 24.95 36.51 -17.87
N SER A 187 26.08 36.20 -18.49
CA SER A 187 26.54 36.99 -19.61
C SER A 187 26.74 36.13 -20.85
N ASN B 2 1.19 -42.21 -23.43
CA ASN B 2 1.67 -40.87 -23.91
C ASN B 2 2.74 -40.31 -22.97
N LEU B 3 2.81 -38.99 -22.89
CA LEU B 3 3.77 -38.29 -22.02
C LEU B 3 3.34 -36.81 -21.93
N LYS B 4 2.36 -36.44 -22.76
CA LYS B 4 1.82 -35.07 -22.76
C LYS B 4 0.52 -35.07 -21.97
N ASP B 5 -0.03 -36.27 -21.78
CA ASP B 5 -1.26 -36.46 -21.00
C ASP B 5 -0.81 -37.01 -19.66
N LYS B 6 0.43 -37.50 -19.65
CA LYS B 6 1.07 -38.01 -18.46
C LYS B 6 1.19 -36.77 -17.59
N ILE B 7 1.60 -35.67 -18.22
CA ILE B 7 1.76 -34.37 -17.57
C ILE B 7 0.42 -33.83 -17.06
N LEU B 8 -0.56 -33.70 -17.94
CA LEU B 8 -1.86 -33.20 -17.54
C LEU B 8 -2.42 -34.01 -16.36
N GLY B 9 -2.29 -35.32 -16.43
CA GLY B 9 -2.79 -36.17 -15.37
C GLY B 9 -2.05 -36.03 -14.05
N VAL B 10 -0.76 -36.30 -14.06
CA VAL B 10 0.03 -36.19 -12.83
C VAL B 10 -0.15 -34.80 -12.23
N ALA B 11 -0.25 -33.78 -13.08
CA ALA B 11 -0.41 -32.43 -12.61
C ALA B 11 -1.78 -32.19 -11.98
N LYS B 12 -2.82 -32.72 -12.60
CA LYS B 12 -4.18 -32.55 -12.09
C LYS B 12 -4.26 -33.19 -10.72
N GLU B 13 -3.64 -34.35 -10.59
CA GLU B 13 -3.66 -35.09 -9.33
C GLU B 13 -2.97 -34.31 -8.21
N LEU B 14 -1.91 -33.59 -8.57
CA LEU B 14 -1.16 -32.79 -7.61
C LEU B 14 -1.93 -31.52 -7.21
N PHE B 15 -2.58 -30.88 -8.17
CA PHE B 15 -3.36 -29.68 -7.87
C PHE B 15 -4.50 -29.98 -6.94
N ILE B 16 -5.06 -31.17 -7.09
CA ILE B 16 -6.18 -31.61 -6.26
C ILE B 16 -5.66 -32.03 -4.88
N LYS B 17 -4.45 -32.53 -4.86
CA LYS B 17 -3.87 -33.01 -3.62
C LYS B 17 -3.27 -31.94 -2.74
N ASN B 18 -2.53 -31.00 -3.35
CA ASN B 18 -1.84 -29.95 -2.60
C ASN B 18 -2.32 -28.54 -2.86
N GLY B 19 -3.07 -28.34 -3.93
CA GLY B 19 -3.55 -27.00 -4.26
C GLY B 19 -2.63 -26.43 -5.32
N TYR B 20 -2.93 -25.25 -5.82
CA TYR B 20 -2.13 -24.64 -6.88
C TYR B 20 -0.75 -24.12 -6.46
N ASN B 21 -0.73 -23.01 -5.78
CA ASN B 21 0.49 -22.32 -5.36
C ASN B 21 1.44 -23.27 -4.65
N ALA B 22 1.11 -24.52 -4.37
CA ALA B 22 2.01 -25.44 -3.68
C ALA B 22 2.53 -26.56 -4.57
N THR B 23 2.10 -26.58 -5.82
CA THR B 23 2.52 -27.60 -6.74
C THR B 23 3.38 -26.96 -7.81
N THR B 24 4.65 -27.34 -7.84
CA THR B 24 5.59 -26.78 -8.81
C THR B 24 5.78 -27.64 -10.04
N THR B 25 6.12 -26.99 -11.16
CA THR B 25 6.33 -27.71 -12.41
C THR B 25 7.40 -28.78 -12.21
N GLY B 26 8.24 -28.60 -11.20
CA GLY B 26 9.29 -29.55 -10.92
C GLY B 26 8.76 -30.88 -10.44
N GLU B 27 7.87 -30.83 -9.47
CA GLU B 27 7.27 -32.04 -8.92
C GLU B 27 6.34 -32.64 -9.98
N ILE B 28 5.79 -31.78 -10.84
CA ILE B 28 4.91 -32.23 -11.92
C ILE B 28 5.75 -33.10 -12.85
N VAL B 29 6.79 -32.48 -13.41
CA VAL B 29 7.72 -33.11 -14.33
C VAL B 29 8.37 -34.41 -13.86
N LYS B 30 9.25 -34.33 -12.86
CA LYS B 30 9.95 -35.51 -12.35
C LYS B 30 9.02 -36.62 -11.89
N LEU B 31 7.76 -36.29 -11.65
CA LEU B 31 6.79 -37.28 -11.21
C LEU B 31 6.18 -37.98 -12.43
N SER B 32 6.06 -37.24 -13.54
CA SER B 32 5.53 -37.79 -14.78
C SER B 32 6.71 -38.06 -15.73
N GLU B 33 7.91 -38.14 -15.14
CA GLU B 33 9.16 -38.37 -15.85
C GLU B 33 9.27 -37.73 -17.22
N SER B 34 9.46 -36.41 -17.19
CA SER B 34 9.62 -35.60 -18.39
C SER B 34 10.61 -34.50 -18.01
N SER B 35 10.52 -33.35 -18.66
CA SER B 35 11.42 -32.24 -18.33
C SER B 35 10.72 -30.92 -18.54
N LYS B 36 11.14 -29.90 -17.80
CA LYS B 36 10.55 -28.57 -17.89
C LYS B 36 10.47 -28.06 -19.33
N GLY B 37 11.44 -28.45 -20.15
CA GLY B 37 11.44 -28.02 -21.53
C GLY B 37 10.24 -28.59 -22.25
N ASN B 38 9.95 -29.85 -21.97
CA ASN B 38 8.80 -30.51 -22.58
C ASN B 38 7.51 -29.85 -22.10
N LEU B 39 7.47 -29.50 -20.82
CA LEU B 39 6.28 -28.85 -20.24
C LEU B 39 6.12 -27.45 -20.83
N TYR B 40 7.22 -26.72 -20.92
CA TYR B 40 7.20 -25.38 -21.48
C TYR B 40 6.83 -25.51 -22.96
N TYR B 41 7.10 -26.69 -23.51
CA TYR B 41 6.81 -26.98 -24.90
C TYR B 41 5.32 -27.19 -25.17
N HIS B 42 4.69 -28.03 -24.36
CA HIS B 42 3.27 -28.33 -24.52
C HIS B 42 2.33 -27.30 -23.92
N PHE B 43 2.69 -26.73 -22.78
CA PHE B 43 1.80 -25.77 -22.14
C PHE B 43 2.41 -24.39 -21.93
N LYS B 44 3.74 -24.32 -21.90
CA LYS B 44 4.47 -23.06 -21.72
C LYS B 44 4.66 -22.69 -20.25
N THR B 45 3.68 -21.98 -19.70
CA THR B 45 3.74 -21.57 -18.30
C THR B 45 2.81 -22.41 -17.43
N LYS B 46 3.31 -22.91 -16.31
CA LYS B 46 2.51 -23.73 -15.42
C LYS B 46 1.09 -23.19 -15.29
N GLU B 47 0.95 -21.86 -15.29
CA GLU B 47 -0.37 -21.25 -15.16
C GLU B 47 -1.26 -21.65 -16.33
N ASN B 48 -0.68 -21.82 -17.50
CA ASN B 48 -1.43 -22.22 -18.69
C ASN B 48 -1.81 -23.70 -18.53
N LEU B 49 -0.81 -24.52 -18.20
CA LEU B 49 -1.03 -25.94 -17.99
C LEU B 49 -2.29 -26.11 -17.16
N PHE B 50 -2.41 -25.28 -16.13
CA PHE B 50 -3.55 -25.32 -15.24
C PHE B 50 -4.82 -24.77 -15.87
N LEU B 51 -4.74 -23.63 -16.54
CA LEU B 51 -5.95 -23.10 -17.16
C LEU B 51 -6.51 -24.14 -18.11
N GLU B 52 -5.61 -24.90 -18.73
CA GLU B 52 -6.03 -25.94 -19.65
C GLU B 52 -6.73 -27.00 -18.82
N ILE B 53 -6.02 -27.59 -17.87
CA ILE B 53 -6.60 -28.60 -17.01
C ILE B 53 -8.00 -28.17 -16.60
N LEU B 54 -8.16 -26.90 -16.24
CA LEU B 54 -9.46 -26.39 -15.81
C LEU B 54 -10.55 -26.49 -16.88
N ASN B 55 -10.19 -26.23 -18.12
CA ASN B 55 -11.17 -26.32 -19.20
C ASN B 55 -11.56 -27.75 -19.50
N ILE B 56 -10.66 -28.69 -19.22
CA ILE B 56 -10.93 -30.10 -19.42
C ILE B 56 -11.98 -30.51 -18.38
N GLU B 57 -11.58 -30.50 -17.09
CA GLU B 57 -12.50 -30.86 -16.02
C GLU B 57 -13.81 -30.15 -16.24
N GLU B 58 -13.72 -28.89 -16.63
CA GLU B 58 -14.89 -28.07 -16.88
C GLU B 58 -15.86 -28.74 -17.83
N SER B 59 -15.37 -29.13 -19.01
CA SER B 59 -16.24 -29.77 -20.00
C SER B 59 -16.55 -31.23 -19.68
N LYS B 60 -15.57 -31.97 -19.17
CA LYS B 60 -15.81 -33.38 -18.83
C LYS B 60 -16.94 -33.48 -17.79
N TRP B 61 -17.31 -32.35 -17.20
CA TRP B 61 -18.38 -32.30 -16.22
C TRP B 61 -19.62 -31.70 -16.85
N GLN B 62 -19.40 -30.76 -17.75
CA GLN B 62 -20.48 -30.10 -18.46
C GLN B 62 -21.05 -31.08 -19.48
N GLU B 63 -20.27 -32.11 -19.78
CA GLU B 63 -20.65 -33.14 -20.73
C GLU B 63 -21.42 -34.25 -20.01
N GLN B 64 -20.89 -34.68 -18.87
CA GLN B 64 -21.51 -35.74 -18.09
C GLN B 64 -22.83 -35.32 -17.43
N TRP B 65 -23.24 -34.07 -17.64
CA TRP B 65 -24.50 -33.58 -17.08
C TRP B 65 -25.54 -33.59 -18.18
N LYS B 66 -25.09 -33.65 -19.42
CA LYS B 66 -26.01 -33.70 -20.54
C LYS B 66 -26.50 -35.17 -20.62
N LYS B 67 -25.58 -36.09 -20.35
CA LYS B 67 -25.89 -37.52 -20.39
C LYS B 67 -26.54 -38.03 -19.12
N GLU B 68 -26.89 -37.15 -18.19
CA GLU B 68 -27.51 -37.58 -16.95
C GLU B 68 -28.75 -36.76 -16.62
N GLN B 69 -28.72 -35.49 -17.04
CA GLN B 69 -29.82 -34.56 -16.77
C GLN B 69 -31.16 -35.05 -17.30
N ILE B 70 -31.12 -35.87 -18.32
CA ILE B 70 -32.35 -36.38 -18.91
C ILE B 70 -33.24 -37.12 -17.91
N LYS B 71 -32.63 -37.86 -16.99
CA LYS B 71 -33.39 -38.60 -16.00
C LYS B 71 -34.22 -37.70 -15.08
N CYS B 72 -34.31 -36.42 -15.45
CA CYS B 72 -35.08 -35.45 -14.68
C CYS B 72 -36.06 -34.80 -15.64
N LYS B 73 -37.35 -35.04 -15.44
CA LYS B 73 -38.36 -34.48 -16.33
C LYS B 73 -38.50 -32.97 -16.16
N THR B 74 -38.91 -32.52 -14.99
CA THR B 74 -39.07 -31.09 -14.72
C THR B 74 -37.73 -30.45 -14.39
N ASN B 75 -37.71 -29.12 -14.28
CA ASN B 75 -36.49 -28.41 -13.94
C ASN B 75 -36.29 -28.42 -12.43
N ARG B 76 -37.40 -28.42 -11.69
CA ARG B 76 -37.30 -28.48 -10.25
C ARG B 76 -36.44 -29.72 -9.96
N GLU B 77 -36.58 -30.73 -10.82
CA GLU B 77 -35.84 -31.99 -10.67
C GLU B 77 -34.40 -31.84 -11.12
N LYS B 78 -34.21 -31.16 -12.23
CA LYS B 78 -32.86 -30.97 -12.74
C LYS B 78 -32.04 -30.18 -11.71
N PHE B 79 -32.68 -29.26 -11.01
CA PHE B 79 -31.98 -28.47 -10.01
C PHE B 79 -31.50 -29.41 -8.91
N TYR B 80 -32.44 -30.14 -8.32
CA TYR B 80 -32.17 -31.12 -7.27
C TYR B 80 -31.07 -32.07 -7.69
N LEU B 81 -31.17 -32.59 -8.91
CA LEU B 81 -30.21 -33.53 -9.43
C LEU B 81 -28.81 -32.95 -9.67
N TYR B 82 -28.74 -31.78 -10.32
CA TYR B 82 -27.43 -31.17 -10.59
C TYR B 82 -26.65 -31.02 -9.27
N ASN B 83 -27.29 -30.41 -8.28
CA ASN B 83 -26.71 -30.19 -6.96
C ASN B 83 -26.22 -31.51 -6.39
N GLU B 84 -27.08 -32.52 -6.43
CA GLU B 84 -26.76 -33.85 -5.92
C GLU B 84 -25.50 -34.45 -6.53
N LEU B 85 -25.42 -34.38 -7.85
CA LEU B 85 -24.29 -34.93 -8.57
C LEU B 85 -22.98 -34.22 -8.28
N SER B 86 -23.08 -32.94 -7.95
CA SER B 86 -21.89 -32.15 -7.66
C SER B 86 -21.07 -32.78 -6.53
N LEU B 87 -21.75 -33.37 -5.59
CA LEU B 87 -21.10 -34.02 -4.47
C LEU B 87 -20.45 -35.33 -4.85
N THR B 88 -20.89 -35.93 -5.95
CA THR B 88 -20.35 -37.23 -6.35
C THR B 88 -19.51 -37.35 -7.61
N THR B 89 -19.50 -36.33 -8.46
CA THR B 89 -18.71 -36.41 -9.68
C THR B 89 -17.19 -36.43 -9.40
N GLU B 90 -16.40 -36.79 -10.40
CA GLU B 90 -14.97 -36.82 -10.20
C GLU B 90 -14.38 -35.60 -10.88
N TYR B 91 -15.25 -34.84 -11.53
CA TYR B 91 -14.82 -33.67 -12.29
C TYR B 91 -15.01 -32.28 -11.72
N TYR B 92 -14.04 -31.42 -12.00
CA TYR B 92 -14.09 -30.01 -11.62
C TYR B 92 -14.13 -29.64 -10.14
N TYR B 93 -15.27 -29.86 -9.49
CA TYR B 93 -15.41 -29.51 -8.10
C TYR B 93 -14.22 -29.84 -7.19
N PRO B 94 -13.45 -30.92 -7.50
CA PRO B 94 -12.30 -31.22 -6.64
C PRO B 94 -11.16 -30.23 -6.80
N LEU B 95 -11.10 -29.56 -7.95
CA LEU B 95 -10.04 -28.58 -8.20
C LEU B 95 -10.33 -27.23 -7.56
N GLN B 96 -11.50 -27.11 -6.94
CA GLN B 96 -11.93 -25.87 -6.30
C GLN B 96 -10.86 -25.22 -5.44
N ASN B 97 -10.29 -25.96 -4.50
CA ASN B 97 -9.28 -25.36 -3.65
C ASN B 97 -8.21 -24.69 -4.48
N ALA B 98 -7.71 -25.39 -5.49
CA ALA B 98 -6.69 -24.83 -6.37
C ALA B 98 -7.24 -23.63 -7.12
N ILE B 99 -8.43 -23.76 -7.67
CA ILE B 99 -9.03 -22.66 -8.42
C ILE B 99 -9.05 -21.43 -7.55
N ILE B 100 -9.45 -21.58 -6.30
CA ILE B 100 -9.50 -20.44 -5.39
C ILE B 100 -8.15 -19.73 -5.49
N GLU B 101 -7.11 -20.40 -5.00
CA GLU B 101 -5.74 -19.88 -5.00
C GLU B 101 -5.35 -19.26 -6.34
N PHE B 102 -5.43 -20.05 -7.39
CA PHE B 102 -5.08 -19.59 -8.72
C PHE B 102 -5.76 -18.27 -9.07
N TYR B 103 -7.05 -18.15 -8.77
CA TYR B 103 -7.79 -16.94 -9.10
C TYR B 103 -7.37 -15.70 -8.30
N THR B 104 -7.10 -15.88 -7.02
CA THR B 104 -6.71 -14.73 -6.21
C THR B 104 -5.36 -14.23 -6.71
N GLU B 105 -4.59 -15.13 -7.31
CA GLU B 105 -3.26 -14.78 -7.80
C GLU B 105 -3.23 -14.29 -9.26
N TYR B 106 -4.37 -14.27 -9.94
CA TYR B 106 -4.34 -13.81 -11.33
C TYR B 106 -5.49 -12.91 -11.78
N TYR B 107 -6.46 -12.62 -10.93
CA TYR B 107 -7.55 -11.75 -11.36
C TYR B 107 -6.93 -10.41 -11.77
N LYS B 108 -5.75 -10.14 -11.23
CA LYS B 108 -5.02 -8.92 -11.51
C LYS B 108 -4.79 -8.81 -13.02
N THR B 109 -3.83 -9.58 -13.52
CA THR B 109 -3.49 -9.60 -14.94
C THR B 109 -4.74 -9.80 -15.81
N ASN B 110 -5.29 -8.69 -16.29
CA ASN B 110 -6.50 -8.70 -17.12
C ASN B 110 -6.62 -9.83 -18.14
N SER B 111 -5.49 -10.26 -18.69
CA SER B 111 -5.50 -11.33 -19.68
C SER B 111 -6.14 -12.63 -19.20
N ILE B 112 -5.56 -13.21 -18.16
CA ILE B 112 -6.04 -14.47 -17.61
C ILE B 112 -7.46 -14.34 -17.06
N ASN B 113 -7.77 -13.20 -16.44
CA ASN B 113 -9.09 -12.98 -15.88
C ASN B 113 -10.18 -13.35 -16.88
N GLU B 114 -10.10 -12.76 -18.07
CA GLU B 114 -11.06 -13.01 -19.13
C GLU B 114 -11.33 -14.50 -19.37
N LYS B 115 -10.25 -15.28 -19.42
CA LYS B 115 -10.36 -16.72 -19.64
C LYS B 115 -11.12 -17.38 -18.49
N MET B 116 -10.79 -17.00 -17.27
CA MET B 116 -11.45 -17.54 -16.09
C MET B 116 -12.91 -17.11 -16.06
N ASN B 117 -13.20 -16.04 -16.78
CA ASN B 117 -14.56 -15.53 -16.87
C ASN B 117 -15.30 -16.45 -17.82
N LYS B 118 -14.67 -16.77 -18.94
CA LYS B 118 -15.27 -17.65 -19.92
C LYS B 118 -15.71 -18.90 -19.16
N LEU B 119 -14.73 -19.57 -18.56
CA LEU B 119 -14.99 -20.78 -17.78
C LEU B 119 -16.09 -20.58 -16.75
N GLU B 120 -15.87 -19.65 -15.82
CA GLU B 120 -16.86 -19.39 -14.78
C GLU B 120 -18.24 -19.07 -15.37
N ASN B 121 -18.30 -18.83 -16.67
CA ASN B 121 -19.59 -18.55 -17.29
C ASN B 121 -20.25 -19.88 -17.60
N LYS B 122 -19.45 -20.85 -18.02
CA LYS B 122 -19.94 -22.18 -18.31
C LYS B 122 -20.49 -22.71 -16.99
N TYR B 123 -19.59 -22.84 -16.02
CA TYR B 123 -19.89 -23.33 -14.67
C TYR B 123 -21.20 -22.81 -14.07
N ILE B 124 -21.72 -21.71 -14.58
CA ILE B 124 -22.96 -21.16 -14.05
C ILE B 124 -24.09 -21.27 -15.04
N ASP B 125 -23.77 -21.65 -16.27
CA ASP B 125 -24.75 -21.79 -17.35
C ASP B 125 -25.89 -22.75 -17.01
N ALA B 126 -25.49 -23.93 -16.51
CA ALA B 126 -26.41 -24.98 -16.10
C ALA B 126 -27.56 -24.39 -15.30
N TYR B 127 -27.22 -23.61 -14.28
CA TYR B 127 -28.24 -23.00 -13.47
C TYR B 127 -29.08 -22.02 -14.28
N HIS B 128 -28.41 -21.20 -15.10
CA HIS B 128 -29.14 -20.22 -15.92
C HIS B 128 -30.20 -20.98 -16.70
N VAL B 129 -29.75 -22.03 -17.39
CA VAL B 129 -30.60 -22.91 -18.20
C VAL B 129 -31.80 -23.39 -17.35
N ILE B 130 -31.52 -24.21 -16.35
CA ILE B 130 -32.54 -24.73 -15.45
C ILE B 130 -33.51 -23.61 -15.06
N PHE B 131 -33.00 -22.53 -14.50
CA PHE B 131 -33.87 -21.43 -14.08
C PHE B 131 -34.64 -20.80 -15.23
N LYS B 132 -33.99 -20.67 -16.38
CA LYS B 132 -34.64 -20.08 -17.55
C LYS B 132 -35.85 -20.90 -17.97
N GLU B 133 -35.57 -22.07 -18.55
CA GLU B 133 -36.60 -23.00 -19.00
C GLU B 133 -37.65 -23.16 -17.92
N GLY B 134 -37.20 -23.21 -16.68
CA GLY B 134 -38.12 -23.35 -15.57
C GLY B 134 -39.22 -22.31 -15.69
N ASN B 135 -38.84 -21.09 -16.08
CA ASN B 135 -39.80 -20.01 -16.23
C ASN B 135 -40.66 -20.25 -17.47
N LEU B 136 -40.01 -20.49 -18.60
CA LEU B 136 -40.73 -20.74 -19.84
C LEU B 136 -41.48 -22.07 -19.73
N ASN B 137 -41.55 -22.61 -18.52
CA ASN B 137 -42.22 -23.88 -18.25
C ASN B 137 -43.10 -23.68 -17.03
N GLY B 138 -43.29 -22.41 -16.68
CA GLY B 138 -44.12 -22.06 -15.53
C GLY B 138 -43.86 -22.82 -14.25
N GLU B 139 -42.58 -23.09 -13.93
CA GLU B 139 -42.25 -23.80 -12.69
C GLU B 139 -41.99 -22.85 -11.52
N TRP B 140 -41.74 -21.59 -11.85
CA TRP B 140 -41.48 -20.52 -10.88
C TRP B 140 -41.39 -19.22 -11.69
N SER B 141 -41.37 -18.08 -11.02
CA SER B 141 -41.29 -16.79 -11.70
C SER B 141 -40.11 -16.01 -11.12
N ILE B 142 -39.05 -15.83 -11.92
CA ILE B 142 -37.85 -15.13 -11.47
C ILE B 142 -37.36 -14.08 -12.46
N ASN B 143 -37.34 -12.82 -12.02
CA ASN B 143 -36.91 -11.70 -12.85
C ASN B 143 -35.45 -11.82 -13.29
N ASP B 144 -34.56 -11.84 -12.30
CA ASP B 144 -33.12 -11.95 -12.55
C ASP B 144 -32.64 -13.39 -12.43
N VAL B 145 -32.54 -14.07 -13.56
CA VAL B 145 -32.07 -15.44 -13.55
C VAL B 145 -30.58 -15.42 -13.20
N ASN B 146 -29.86 -14.51 -13.83
CA ASN B 146 -28.42 -14.40 -13.60
C ASN B 146 -28.07 -14.30 -12.11
N ALA B 147 -28.74 -13.40 -11.39
CA ALA B 147 -28.48 -13.25 -9.96
C ALA B 147 -28.62 -14.60 -9.28
N VAL B 148 -29.75 -15.26 -9.55
CA VAL B 148 -30.03 -16.55 -8.96
C VAL B 148 -29.06 -17.59 -9.49
N SER B 149 -28.90 -17.66 -10.80
CA SER B 149 -28.00 -18.63 -11.39
C SER B 149 -26.62 -18.49 -10.77
N LYS B 150 -26.32 -17.32 -10.19
CA LYS B 150 -25.02 -17.10 -9.58
C LYS B 150 -25.08 -17.44 -8.10
N ILE B 151 -26.12 -17.00 -7.41
CA ILE B 151 -26.25 -17.32 -5.99
C ILE B 151 -26.23 -18.84 -5.84
N ALA B 152 -27.05 -19.48 -6.66
CA ALA B 152 -27.15 -20.94 -6.67
C ALA B 152 -25.80 -21.60 -6.79
N ALA B 153 -25.21 -21.51 -7.99
CA ALA B 153 -23.91 -22.13 -8.23
C ALA B 153 -22.91 -21.90 -7.12
N ASN B 154 -23.02 -20.77 -6.44
CA ASN B 154 -22.07 -20.47 -5.36
C ASN B 154 -22.46 -21.06 -4.02
N ALA B 155 -23.75 -21.07 -3.74
CA ALA B 155 -24.22 -21.66 -2.48
C ALA B 155 -23.91 -23.15 -2.58
N VAL B 156 -24.37 -23.77 -3.66
CA VAL B 156 -24.14 -25.19 -3.85
C VAL B 156 -22.65 -25.51 -3.71
N ASN B 157 -21.82 -24.84 -4.53
CA ASN B 157 -20.36 -25.03 -4.52
C ASN B 157 -19.83 -24.87 -3.09
N GLY B 158 -20.45 -23.98 -2.33
CA GLY B 158 -20.04 -23.80 -0.94
C GLY B 158 -20.27 -25.08 -0.18
N ILE B 159 -21.47 -25.69 -0.32
CA ILE B 159 -21.82 -26.95 0.34
C ILE B 159 -20.83 -28.04 -0.07
N VAL B 160 -20.75 -28.30 -1.38
CA VAL B 160 -19.85 -29.33 -1.90
C VAL B 160 -18.43 -29.18 -1.36
N THR B 161 -17.92 -27.95 -1.38
CA THR B 161 -16.56 -27.65 -0.96
C THR B 161 -16.23 -27.62 0.54
N PHE B 162 -17.17 -27.22 1.39
CA PHE B 162 -16.87 -27.16 2.83
C PHE B 162 -17.47 -28.26 3.71
N THR B 163 -17.71 -29.44 3.13
CA THR B 163 -18.23 -30.62 3.86
C THR B 163 -17.49 -31.89 3.39
N HIS B 164 -16.36 -31.70 2.70
CA HIS B 164 -15.51 -32.78 2.18
C HIS B 164 -15.13 -33.79 3.27
N GLU B 165 -15.43 -33.43 4.51
CA GLU B 165 -15.11 -34.21 5.70
C GLU B 165 -15.98 -35.42 6.08
N GLN B 166 -17.28 -35.18 6.23
CA GLN B 166 -18.20 -36.23 6.65
C GLN B 166 -18.67 -37.22 5.60
N ASN B 167 -19.59 -38.05 6.05
CA ASN B 167 -20.24 -39.10 5.27
C ASN B 167 -20.93 -38.58 4.01
N ILE B 168 -20.49 -39.04 2.84
CA ILE B 168 -21.06 -38.60 1.58
C ILE B 168 -22.58 -38.79 1.54
N ASN B 169 -23.12 -39.57 2.46
CA ASN B 169 -24.56 -39.77 2.50
C ASN B 169 -25.19 -38.57 3.17
N GLU B 170 -24.55 -38.07 4.22
CA GLU B 170 -25.08 -36.91 4.92
C GLU B 170 -24.99 -35.72 3.97
N ARG B 171 -23.92 -35.69 3.20
CA ARG B 171 -23.71 -34.62 2.23
C ARG B 171 -24.87 -34.57 1.25
N ILE B 172 -25.17 -35.71 0.62
CA ILE B 172 -26.28 -35.78 -0.33
C ILE B 172 -27.57 -35.35 0.34
N LYS B 173 -27.69 -35.65 1.64
CA LYS B 173 -28.91 -35.32 2.35
C LYS B 173 -29.11 -33.83 2.59
N LEU B 174 -28.10 -33.16 3.15
CA LEU B 174 -28.18 -31.72 3.41
C LEU B 174 -28.31 -31.02 2.07
N MET B 175 -27.56 -31.49 1.08
CA MET B 175 -27.61 -30.87 -0.23
C MET B 175 -29.04 -30.85 -0.72
N ASN B 176 -29.79 -31.89 -0.39
CA ASN B 176 -31.17 -31.94 -0.84
C ASN B 176 -32.02 -31.05 0.03
N LYS B 177 -31.75 -31.01 1.33
CA LYS B 177 -32.57 -30.15 2.18
C LYS B 177 -32.40 -28.74 1.65
N PHE B 178 -31.20 -28.45 1.14
CA PHE B 178 -30.91 -27.13 0.59
C PHE B 178 -31.69 -26.93 -0.71
N SER B 179 -31.46 -27.81 -1.66
CA SER B 179 -32.11 -27.74 -2.97
C SER B 179 -33.60 -27.49 -2.82
N GLN B 180 -34.17 -27.88 -1.69
CA GLN B 180 -35.60 -27.70 -1.45
C GLN B 180 -35.86 -26.30 -0.90
N ILE B 181 -35.31 -26.04 0.29
CA ILE B 181 -35.45 -24.75 0.94
C ILE B 181 -35.28 -23.68 -0.14
N PHE B 182 -34.17 -23.76 -0.86
CA PHE B 182 -33.89 -22.81 -1.89
C PHE B 182 -34.98 -22.75 -2.96
N LEU B 183 -35.33 -23.89 -3.54
CA LEU B 183 -36.36 -23.92 -4.58
C LEU B 183 -37.67 -23.35 -4.12
N ASN B 184 -38.03 -23.57 -2.85
CA ASN B 184 -39.28 -23.03 -2.36
C ASN B 184 -39.15 -21.53 -2.33
N GLY B 185 -38.08 -21.06 -1.70
CA GLY B 185 -37.85 -19.63 -1.61
C GLY B 185 -38.04 -18.88 -2.92
N LEU B 186 -37.91 -19.55 -4.05
CA LEU B 186 -38.07 -18.88 -5.32
C LEU B 186 -39.46 -18.34 -5.65
N SER B 187 -40.43 -18.59 -4.78
CA SER B 187 -41.79 -18.10 -5.03
C SER B 187 -42.67 -18.03 -3.77
N ASN C 2 -5.54 -4.72 -1.78
CA ASN C 2 -6.63 -3.78 -1.37
C ASN C 2 -6.70 -3.43 0.13
N LEU C 3 -6.83 -4.43 1.00
CA LEU C 3 -6.82 -4.10 2.43
C LEU C 3 -5.50 -3.35 2.70
N LYS C 4 -4.47 -3.70 1.94
CA LYS C 4 -3.17 -3.05 2.06
C LYS C 4 -3.36 -1.62 1.59
N ASP C 5 -4.05 -1.47 0.46
CA ASP C 5 -4.33 -0.15 -0.12
C ASP C 5 -5.27 0.71 0.72
N LYS C 6 -6.18 0.06 1.45
CA LYS C 6 -7.10 0.80 2.31
C LYS C 6 -6.28 1.38 3.46
N ILE C 7 -5.26 0.62 3.89
CA ILE C 7 -4.40 1.08 4.98
C ILE C 7 -3.58 2.25 4.46
N LEU C 8 -3.02 2.11 3.25
CA LEU C 8 -2.24 3.21 2.67
C LEU C 8 -3.16 4.42 2.56
N GLY C 9 -4.31 4.22 1.92
CA GLY C 9 -5.30 5.28 1.77
C GLY C 9 -5.58 5.98 3.11
N VAL C 10 -6.03 5.19 4.08
CA VAL C 10 -6.35 5.73 5.41
C VAL C 10 -5.15 6.42 6.05
N ALA C 11 -3.98 5.76 5.98
CA ALA C 11 -2.79 6.32 6.58
C ALA C 11 -2.44 7.65 5.95
N LYS C 12 -2.55 7.74 4.62
CA LYS C 12 -2.23 9.00 3.96
C LYS C 12 -3.02 10.15 4.58
N GLU C 13 -4.34 9.96 4.70
CA GLU C 13 -5.23 10.98 5.28
C GLU C 13 -4.88 11.29 6.73
N LEU C 14 -4.70 10.25 7.52
CA LEU C 14 -4.36 10.45 8.90
C LEU C 14 -3.15 11.33 8.95
N PHE C 15 -2.15 11.02 8.12
CA PHE C 15 -0.92 11.79 8.09
C PHE C 15 -1.19 13.24 7.71
N ILE C 16 -2.02 13.45 6.69
CA ILE C 16 -2.37 14.79 6.26
C ILE C 16 -3.03 15.62 7.36
N LYS C 17 -3.95 15.03 8.12
CA LYS C 17 -4.62 15.81 9.17
C LYS C 17 -3.86 16.06 10.44
N ASN C 18 -3.16 15.06 10.96
CA ASN C 18 -2.46 15.26 12.22
C ASN C 18 -0.95 15.24 12.09
N GLY C 19 -0.46 15.12 10.86
CA GLY C 19 0.97 15.09 10.68
C GLY C 19 1.55 13.72 10.96
N TYR C 20 2.86 13.59 10.88
CA TYR C 20 3.48 12.30 11.10
C TYR C 20 3.57 11.85 12.54
N ASN C 21 4.48 12.41 13.29
CA ASN C 21 4.72 12.03 14.67
C ASN C 21 3.42 11.87 15.44
N ALA C 22 2.34 12.53 15.09
CA ALA C 22 1.08 12.42 15.83
C ALA C 22 0.22 11.18 15.52
N THR C 23 0.19 10.78 14.25
CA THR C 23 -0.59 9.62 13.84
C THR C 23 -0.04 8.34 14.49
N THR C 24 -0.95 7.47 14.95
CA THR C 24 -0.55 6.23 15.60
C THR C 24 -0.99 5.04 14.75
N THR C 25 -0.24 3.95 14.79
CA THR C 25 -0.62 2.80 14.00
C THR C 25 -1.94 2.24 14.53
N GLY C 26 -2.25 2.55 15.80
CA GLY C 26 -3.50 2.08 16.35
C GLY C 26 -4.65 2.64 15.53
N GLU C 27 -4.61 3.96 15.34
CA GLU C 27 -5.63 4.67 14.55
C GLU C 27 -5.67 4.07 13.15
N ILE C 28 -4.50 3.95 12.55
CA ILE C 28 -4.42 3.37 11.22
C ILE C 28 -5.05 1.98 11.21
N VAL C 29 -4.85 1.22 12.28
CA VAL C 29 -5.44 -0.12 12.34
C VAL C 29 -6.96 -0.05 12.37
N LYS C 30 -7.52 0.63 13.37
CA LYS C 30 -8.97 0.71 13.49
C LYS C 30 -9.66 1.35 12.29
N LEU C 31 -9.24 2.56 11.94
CA LEU C 31 -9.87 3.26 10.83
C LEU C 31 -9.81 2.51 9.50
N SER C 32 -8.84 1.63 9.33
CA SER C 32 -8.77 0.90 8.06
C SER C 32 -9.35 -0.50 8.22
N GLU C 33 -9.80 -0.80 9.44
CA GLU C 33 -10.42 -2.08 9.80
C GLU C 33 -9.49 -3.25 9.53
N SER C 34 -8.26 -3.11 9.96
CA SER C 34 -7.28 -4.16 9.75
C SER C 34 -6.79 -4.70 11.10
N SER C 35 -5.48 -4.72 11.30
CA SER C 35 -4.94 -5.23 12.55
C SER C 35 -3.47 -4.92 12.69
N LYS C 36 -2.96 -5.00 13.92
CA LYS C 36 -1.55 -4.73 14.14
C LYS C 36 -0.77 -5.72 13.28
N GLY C 37 -1.22 -6.98 13.32
CA GLY C 37 -0.55 -8.03 12.58
C GLY C 37 -0.44 -7.79 11.10
N ASN C 38 -1.55 -7.45 10.47
CA ASN C 38 -1.54 -7.22 9.05
C ASN C 38 -0.67 -6.03 8.69
N LEU C 39 -0.75 -5.00 9.52
CA LEU C 39 0.01 -3.78 9.27
C LEU C 39 1.49 -4.11 9.37
N TYR C 40 1.83 -4.97 10.34
CA TYR C 40 3.21 -5.37 10.54
C TYR C 40 3.73 -6.16 9.35
N TYR C 41 2.92 -7.09 8.87
CA TYR C 41 3.30 -7.91 7.73
C TYR C 41 3.50 -7.11 6.43
N HIS C 42 2.80 -6.00 6.27
CA HIS C 42 2.92 -5.22 5.05
C HIS C 42 3.99 -4.14 5.09
N PHE C 43 4.25 -3.58 6.27
CA PHE C 43 5.21 -2.48 6.32
C PHE C 43 6.23 -2.53 7.44
N LYS C 44 6.02 -3.43 8.39
CA LYS C 44 6.92 -3.59 9.54
C LYS C 44 6.81 -2.43 10.50
N THR C 45 7.02 -1.22 10.01
CA THR C 45 6.98 -0.08 10.89
C THR C 45 6.26 1.11 10.29
N LYS C 46 5.90 2.04 11.17
CA LYS C 46 5.22 3.27 10.76
C LYS C 46 6.08 4.00 9.75
N GLU C 47 7.39 4.03 9.98
CA GLU C 47 8.33 4.71 9.08
C GLU C 47 8.33 4.09 7.70
N ASN C 48 8.18 2.77 7.64
CA ASN C 48 8.18 2.15 6.34
C ASN C 48 6.83 2.38 5.68
N LEU C 49 5.77 2.36 6.49
CA LEU C 49 4.44 2.61 5.98
C LEU C 49 4.49 3.97 5.28
N PHE C 50 4.97 4.96 6.01
CA PHE C 50 5.05 6.30 5.46
C PHE C 50 5.87 6.36 4.18
N LEU C 51 7.04 5.70 4.18
CA LEU C 51 7.88 5.70 2.99
C LEU C 51 7.14 5.10 1.80
N GLU C 52 6.37 4.05 2.07
CA GLU C 52 5.59 3.39 1.04
C GLU C 52 4.62 4.39 0.42
N ILE C 53 3.93 5.17 1.25
CA ILE C 53 3.02 6.19 0.76
C ILE C 53 3.78 7.13 -0.16
N LEU C 54 4.87 7.70 0.35
CA LEU C 54 5.71 8.62 -0.42
C LEU C 54 6.07 8.03 -1.77
N ASN C 55 6.24 6.72 -1.83
CA ASN C 55 6.54 6.08 -3.10
C ASN C 55 5.33 6.15 -4.01
N ILE C 56 4.16 5.86 -3.44
CA ILE C 56 2.92 5.91 -4.21
C ILE C 56 2.80 7.33 -4.72
N GLU C 57 2.95 8.30 -3.83
CA GLU C 57 2.86 9.71 -4.22
C GLU C 57 3.80 9.99 -5.40
N GLU C 58 5.05 9.54 -5.29
CA GLU C 58 6.01 9.76 -6.36
C GLU C 58 5.47 9.27 -7.70
N SER C 59 4.95 8.05 -7.72
CA SER C 59 4.41 7.48 -8.95
C SER C 59 3.26 8.31 -9.51
N LYS C 60 2.35 8.73 -8.63
CA LYS C 60 1.23 9.55 -9.07
C LYS C 60 1.84 10.78 -9.74
N TRP C 61 2.81 11.39 -9.08
CA TRP C 61 3.44 12.59 -9.62
C TRP C 61 4.00 12.34 -10.99
N GLN C 62 4.71 11.23 -11.16
CA GLN C 62 5.28 10.92 -12.46
C GLN C 62 4.15 10.77 -13.47
N GLU C 63 3.17 9.95 -13.15
CA GLU C 63 2.04 9.76 -14.03
C GLU C 63 1.49 11.13 -14.41
N GLN C 64 1.35 12.03 -13.44
CA GLN C 64 0.84 13.36 -13.75
C GLN C 64 1.76 14.08 -14.73
N TRP C 65 3.06 14.06 -14.44
CA TRP C 65 4.05 14.73 -15.29
C TRP C 65 4.02 14.21 -16.72
N LYS C 66 3.92 12.90 -16.86
CA LYS C 66 3.87 12.26 -18.17
C LYS C 66 2.78 12.90 -19.02
N LYS C 67 1.65 13.20 -18.36
CA LYS C 67 0.52 13.82 -19.05
C LYS C 67 0.72 15.31 -19.21
N GLU C 68 1.16 15.96 -18.14
CA GLU C 68 1.35 17.40 -18.16
C GLU C 68 2.39 17.89 -19.14
N GLN C 69 3.42 17.09 -19.39
CA GLN C 69 4.50 17.50 -20.27
C GLN C 69 4.24 17.50 -21.75
N ILE C 70 3.07 17.02 -22.16
CA ILE C 70 2.75 17.04 -23.58
C ILE C 70 2.56 18.52 -23.95
N LYS C 71 2.14 19.32 -22.98
CA LYS C 71 1.94 20.74 -23.19
C LYS C 71 3.23 21.40 -23.63
N CYS C 72 4.36 20.90 -23.14
CA CYS C 72 5.65 21.49 -23.49
C CYS C 72 6.30 20.80 -24.68
N LYS C 73 6.20 21.43 -25.85
CA LYS C 73 6.74 20.86 -27.08
C LYS C 73 8.23 20.62 -27.06
N THR C 74 9.01 21.65 -26.72
CA THR C 74 10.46 21.51 -26.68
C THR C 74 10.93 21.26 -25.27
N ASN C 75 12.08 20.59 -25.13
CA ASN C 75 12.65 20.30 -23.83
C ASN C 75 12.97 21.54 -23.01
N ARG C 76 13.36 22.63 -23.69
CA ARG C 76 13.63 23.86 -22.99
C ARG C 76 12.35 24.22 -22.25
N GLU C 77 11.24 24.00 -22.95
CA GLU C 77 9.91 24.28 -22.41
C GLU C 77 9.59 23.35 -21.23
N LYS C 78 9.87 22.06 -21.41
CA LYS C 78 9.62 21.10 -20.35
C LYS C 78 10.41 21.49 -19.07
N PHE C 79 11.60 22.04 -19.27
CA PHE C 79 12.39 22.46 -18.11
C PHE C 79 11.70 23.60 -17.37
N TYR C 80 11.27 24.62 -18.10
CA TYR C 80 10.57 25.75 -17.49
C TYR C 80 9.32 25.29 -16.72
N LEU C 81 8.49 24.51 -17.41
CA LEU C 81 7.26 24.00 -16.86
C LEU C 81 7.42 23.13 -15.64
N TYR C 82 8.39 22.22 -15.68
CA TYR C 82 8.61 21.32 -14.57
C TYR C 82 8.96 22.08 -13.31
N ASN C 83 9.79 23.10 -13.46
CA ASN C 83 10.19 23.89 -12.30
C ASN C 83 9.02 24.70 -11.77
N GLU C 84 8.20 25.23 -12.68
CA GLU C 84 7.04 26.01 -12.25
C GLU C 84 6.14 25.10 -11.41
N LEU C 85 5.87 23.91 -11.95
CA LEU C 85 5.04 22.94 -11.27
C LEU C 85 5.57 22.55 -9.89
N SER C 86 6.88 22.38 -9.79
CA SER C 86 7.47 22.01 -8.53
C SER C 86 7.15 23.08 -7.52
N LEU C 87 7.27 24.33 -7.93
CA LEU C 87 7.00 25.46 -7.05
C LEU C 87 5.53 25.63 -6.74
N THR C 88 4.70 25.81 -7.77
CA THR C 88 3.28 26.01 -7.49
C THR C 88 2.61 24.87 -6.73
N THR C 89 2.77 23.63 -7.17
CA THR C 89 2.12 22.55 -6.45
C THR C 89 2.48 22.42 -4.98
N GLU C 90 3.73 22.66 -4.61
CA GLU C 90 4.10 22.55 -3.19
C GLU C 90 3.30 23.48 -2.31
N TYR C 91 2.78 24.55 -2.90
CA TYR C 91 1.99 25.50 -2.14
C TYR C 91 0.77 24.83 -1.51
N TYR C 92 0.18 23.89 -2.23
CA TYR C 92 -0.99 23.22 -1.71
C TYR C 92 -0.90 21.71 -1.65
N TYR C 93 0.30 21.18 -1.38
CA TYR C 93 0.48 19.73 -1.29
C TYR C 93 0.17 19.32 0.14
N PRO C 94 -0.86 18.49 0.32
CA PRO C 94 -1.30 18.03 1.64
C PRO C 94 -0.21 17.38 2.49
N LEU C 95 0.47 16.39 1.92
CA LEU C 95 1.50 15.66 2.65
C LEU C 95 2.75 16.45 2.98
N GLN C 96 2.92 17.58 2.33
CA GLN C 96 4.12 18.40 2.55
C GLN C 96 4.57 18.50 4.00
N ASN C 97 3.63 18.80 4.88
CA ASN C 97 3.97 18.96 6.28
C ASN C 97 4.42 17.66 6.95
N ALA C 98 3.70 16.58 6.67
CA ALA C 98 4.06 15.28 7.24
C ALA C 98 5.46 14.90 6.76
N ILE C 99 5.76 15.26 5.52
CA ILE C 99 7.07 15.00 4.95
C ILE C 99 8.17 15.76 5.67
N ILE C 100 7.99 17.07 5.82
CA ILE C 100 8.97 17.93 6.50
C ILE C 100 9.19 17.40 7.90
N GLU C 101 8.12 16.94 8.53
CA GLU C 101 8.21 16.41 9.88
C GLU C 101 8.99 15.09 9.88
N PHE C 102 8.71 14.26 8.87
CA PHE C 102 9.36 12.96 8.73
C PHE C 102 10.86 13.03 8.46
N TYR C 103 11.27 13.88 7.54
CA TYR C 103 12.69 14.01 7.21
C TYR C 103 13.53 14.60 8.31
N THR C 104 13.13 15.76 8.81
CA THR C 104 13.85 16.44 9.88
C THR C 104 13.70 15.68 11.18
N GLU C 105 13.55 14.37 11.07
CA GLU C 105 13.40 13.51 12.24
C GLU C 105 13.84 12.11 11.85
N TYR C 106 14.32 11.95 10.62
CA TYR C 106 14.74 10.64 10.16
C TYR C 106 15.91 10.61 9.18
N TYR C 107 16.51 11.77 8.91
CA TYR C 107 17.63 11.80 7.99
C TYR C 107 18.93 11.25 8.60
N LYS C 108 18.84 10.80 9.86
CA LYS C 108 19.97 10.24 10.57
C LYS C 108 20.14 8.74 10.25
N THR C 109 19.03 8.01 10.30
CA THR C 109 19.09 6.58 10.00
C THR C 109 19.54 6.39 8.57
N ASN C 110 20.48 5.48 8.35
CA ASN C 110 20.99 5.23 7.00
C ASN C 110 20.10 4.28 6.22
N SER C 111 19.19 3.63 6.92
CA SER C 111 18.26 2.70 6.28
C SER C 111 17.14 3.53 5.65
N ILE C 112 16.59 4.46 6.43
CA ILE C 112 15.53 5.31 5.95
C ILE C 112 16.10 6.47 5.14
N ASN C 113 17.40 6.72 5.30
CA ASN C 113 18.06 7.78 4.54
C ASN C 113 18.42 7.16 3.18
N GLU C 114 18.46 5.83 3.15
CA GLU C 114 18.78 5.11 1.94
C GLU C 114 17.59 5.09 0.98
N LYS C 115 16.46 4.54 1.46
CA LYS C 115 15.26 4.45 0.64
C LYS C 115 14.87 5.82 0.15
N MET C 116 15.15 6.83 0.96
CA MET C 116 14.84 8.20 0.60
C MET C 116 15.54 8.65 -0.66
N ASN C 117 16.80 8.27 -0.82
CA ASN C 117 17.50 8.68 -2.02
C ASN C 117 16.97 7.94 -3.23
N LYS C 118 16.47 6.73 -3.01
CA LYS C 118 15.92 5.96 -4.11
C LYS C 118 14.74 6.75 -4.65
N LEU C 119 14.10 7.46 -3.75
CA LEU C 119 12.93 8.28 -4.05
C LEU C 119 13.37 9.58 -4.71
N GLU C 120 14.34 10.25 -4.11
CA GLU C 120 14.85 11.52 -4.65
C GLU C 120 15.34 11.27 -6.07
N ASN C 121 15.98 10.12 -6.27
CA ASN C 121 16.50 9.76 -7.59
C ASN C 121 15.38 9.75 -8.61
N LYS C 122 14.23 9.24 -8.21
CA LYS C 122 13.10 9.21 -9.14
C LYS C 122 12.71 10.63 -9.53
N TYR C 123 12.75 11.57 -8.59
CA TYR C 123 12.42 12.95 -8.94
C TYR C 123 13.46 13.45 -9.91
N ILE C 124 14.72 13.16 -9.62
CA ILE C 124 15.81 13.59 -10.47
C ILE C 124 15.70 13.06 -11.90
N ASP C 125 15.21 11.85 -12.06
CA ASP C 125 15.09 11.28 -13.40
C ASP C 125 14.35 12.20 -14.35
N ALA C 126 13.32 12.88 -13.87
CA ALA C 126 12.57 13.76 -14.75
C ALA C 126 13.53 14.74 -15.44
N TYR C 127 14.48 15.28 -14.67
CA TYR C 127 15.47 16.20 -15.22
C TYR C 127 16.35 15.44 -16.18
N HIS C 128 16.83 14.30 -15.72
CA HIS C 128 17.69 13.48 -16.54
C HIS C 128 17.03 13.28 -17.91
N VAL C 129 15.76 12.88 -17.93
CA VAL C 129 15.10 12.69 -19.20
C VAL C 129 15.09 13.98 -20.03
N ILE C 130 14.64 15.08 -19.44
CA ILE C 130 14.61 16.35 -20.15
C ILE C 130 15.98 16.66 -20.78
N PHE C 131 17.03 16.49 -19.99
CA PHE C 131 18.37 16.79 -20.44
C PHE C 131 18.87 15.84 -21.53
N LYS C 132 18.67 14.54 -21.35
CA LYS C 132 19.08 13.57 -22.34
C LYS C 132 18.37 13.85 -23.66
N GLU C 133 17.04 14.00 -23.58
CA GLU C 133 16.22 14.25 -24.76
C GLU C 133 16.55 15.59 -25.40
N GLY C 134 17.01 16.54 -24.60
CA GLY C 134 17.34 17.85 -25.13
C GLY C 134 18.57 17.77 -26.02
N ASN C 135 19.50 16.89 -25.63
CA ASN C 135 20.73 16.66 -26.37
C ASN C 135 20.44 16.13 -27.77
N LEU C 136 19.54 15.16 -27.85
CA LEU C 136 19.16 14.52 -29.10
C LEU C 136 18.32 15.37 -30.02
N ASN C 137 18.22 16.66 -29.70
CA ASN C 137 17.46 17.63 -30.50
C ASN C 137 18.33 18.86 -30.59
N GLY C 138 19.50 18.77 -29.98
CA GLY C 138 20.41 19.88 -30.03
C GLY C 138 19.83 21.15 -29.47
N GLU C 139 19.07 21.03 -28.38
CA GLU C 139 18.53 22.24 -27.77
C GLU C 139 19.70 22.79 -26.97
N TRP C 140 20.54 21.86 -26.49
CA TRP C 140 21.71 22.20 -25.70
C TRP C 140 22.67 21.03 -25.87
N SER C 141 23.90 21.19 -25.42
CA SER C 141 24.88 20.10 -25.50
C SER C 141 25.42 19.80 -24.10
N ILE C 142 24.89 18.77 -23.47
CA ILE C 142 25.35 18.44 -22.13
C ILE C 142 26.02 17.07 -22.11
N ASN C 143 27.25 17.02 -21.62
CA ASN C 143 28.00 15.77 -21.58
C ASN C 143 28.00 15.14 -20.19
N ASP C 144 27.41 15.83 -19.23
CA ASP C 144 27.35 15.35 -17.87
C ASP C 144 25.92 15.41 -17.35
N VAL C 145 24.99 14.93 -18.18
CA VAL C 145 23.58 14.95 -17.82
C VAL C 145 23.34 14.63 -16.35
N ASN C 146 23.82 13.49 -15.87
CA ASN C 146 23.62 13.14 -14.46
C ASN C 146 24.01 14.28 -13.51
N ALA C 147 25.13 14.92 -13.80
CA ALA C 147 25.59 16.01 -12.97
C ALA C 147 24.56 17.12 -13.04
N VAL C 148 24.39 17.71 -14.21
CA VAL C 148 23.44 18.79 -14.38
C VAL C 148 22.07 18.49 -13.77
N SER C 149 21.60 17.26 -13.97
CA SER C 149 20.34 16.82 -13.44
C SER C 149 20.27 16.89 -11.91
N LYS C 150 21.35 16.48 -11.23
CA LYS C 150 21.33 16.51 -9.77
C LYS C 150 21.35 17.97 -9.33
N ILE C 151 22.08 18.78 -10.07
CA ILE C 151 22.17 20.18 -9.74
C ILE C 151 20.79 20.86 -9.87
N ALA C 152 20.21 20.80 -11.07
CA ALA C 152 18.89 21.39 -11.29
C ALA C 152 17.89 20.97 -10.21
N ALA C 153 17.76 19.66 -9.99
CA ALA C 153 16.84 19.14 -8.99
C ALA C 153 17.02 19.81 -7.64
N ASN C 154 18.24 19.89 -7.15
CA ASN C 154 18.50 20.49 -5.86
C ASN C 154 18.50 22.03 -5.87
N ALA C 155 18.85 22.62 -7.02
CA ALA C 155 18.84 24.07 -7.12
C ALA C 155 17.37 24.46 -6.99
N VAL C 156 16.56 23.91 -7.88
CA VAL C 156 15.13 24.19 -7.89
C VAL C 156 14.52 23.93 -6.52
N ASN C 157 14.84 22.79 -5.93
CA ASN C 157 14.31 22.50 -4.61
C ASN C 157 14.66 23.58 -3.60
N GLY C 158 15.85 24.14 -3.73
CA GLY C 158 16.27 25.20 -2.82
C GLY C 158 15.34 26.37 -3.04
N ILE C 159 15.21 26.81 -4.29
CA ILE C 159 14.34 27.92 -4.62
C ILE C 159 12.90 27.68 -4.13
N VAL C 160 12.47 26.42 -4.10
CA VAL C 160 11.12 26.11 -3.65
C VAL C 160 10.96 26.18 -2.14
N THR C 161 11.88 25.54 -1.41
CA THR C 161 11.85 25.46 0.04
C THR C 161 12.20 26.66 0.90
N PHE C 162 13.19 27.45 0.49
CA PHE C 162 13.61 28.61 1.29
C PHE C 162 13.14 29.98 0.79
N THR C 163 12.02 29.99 0.09
CA THR C 163 11.52 31.26 -0.44
C THR C 163 10.14 31.62 0.08
N HIS C 164 9.41 30.62 0.57
CA HIS C 164 8.04 30.79 1.09
C HIS C 164 7.53 32.21 1.45
N GLU C 165 8.30 32.98 2.22
CA GLU C 165 7.93 34.34 2.63
C GLU C 165 7.44 35.28 1.52
N GLN C 166 8.06 35.22 0.34
CA GLN C 166 7.66 36.08 -0.76
C GLN C 166 6.29 35.67 -1.30
N ASN C 167 5.58 36.62 -1.93
CA ASN C 167 4.25 36.33 -2.48
C ASN C 167 4.39 35.47 -3.74
N ILE C 168 3.45 34.55 -3.91
CA ILE C 168 3.46 33.62 -5.02
C ILE C 168 3.91 34.15 -6.36
N ASN C 169 3.53 35.37 -6.73
CA ASN C 169 3.97 35.87 -8.03
C ASN C 169 5.48 36.08 -8.10
N GLU C 170 6.05 36.68 -7.06
CA GLU C 170 7.48 36.92 -7.04
C GLU C 170 8.26 35.60 -7.16
N ARG C 171 7.76 34.56 -6.47
CA ARG C 171 8.34 33.24 -6.49
C ARG C 171 8.31 32.68 -7.92
N ILE C 172 7.13 32.69 -8.53
CA ILE C 172 6.99 32.19 -9.89
C ILE C 172 7.97 32.99 -10.76
N LYS C 173 8.01 34.31 -10.54
CA LYS C 173 8.87 35.19 -11.33
C LYS C 173 10.36 34.79 -11.20
N LEU C 174 10.82 34.60 -9.96
CA LEU C 174 12.20 34.21 -9.74
C LEU C 174 12.49 32.86 -10.33
N MET C 175 11.62 31.90 -10.04
CA MET C 175 11.83 30.56 -10.55
C MET C 175 11.95 30.58 -12.08
N ASN C 176 11.17 31.39 -12.76
CA ASN C 176 11.30 31.42 -14.22
C ASN C 176 12.63 32.04 -14.62
N LYS C 177 13.08 33.05 -13.87
CA LYS C 177 14.37 33.69 -14.16
C LYS C 177 15.46 32.65 -13.96
N PHE C 178 15.38 31.89 -12.86
CA PHE C 178 16.38 30.85 -12.61
C PHE C 178 16.41 29.83 -13.75
N SER C 179 15.24 29.49 -14.30
CA SER C 179 15.23 28.52 -15.37
C SER C 179 15.88 29.10 -16.59
N GLN C 180 15.78 30.42 -16.74
CA GLN C 180 16.38 31.07 -17.90
C GLN C 180 17.91 31.17 -17.81
N ILE C 181 18.41 31.58 -16.64
CA ILE C 181 19.85 31.70 -16.40
C ILE C 181 20.50 30.34 -16.59
N PHE C 182 20.01 29.36 -15.85
CA PHE C 182 20.52 28.00 -15.89
C PHE C 182 20.49 27.41 -17.30
N LEU C 183 19.39 27.61 -18.01
CA LEU C 183 19.28 27.06 -19.35
C LEU C 183 20.22 27.80 -20.31
N ASN C 184 20.52 29.05 -19.98
CA ASN C 184 21.39 29.85 -20.82
C ASN C 184 22.85 29.48 -20.60
N GLY C 185 23.21 29.19 -19.35
CA GLY C 185 24.58 28.82 -19.04
C GLY C 185 24.98 27.45 -19.54
N LEU C 186 24.25 26.93 -20.51
CA LEU C 186 24.56 25.61 -21.04
C LEU C 186 24.92 25.71 -22.53
N SER C 187 25.46 26.86 -22.92
CA SER C 187 25.85 27.10 -24.30
C SER C 187 26.87 28.26 -24.45
N ASN D 2 7.09 -9.07 21.55
CA ASN D 2 5.96 -9.62 20.76
C ASN D 2 6.44 -10.42 19.53
N LEU D 3 7.65 -10.99 19.61
CA LEU D 3 8.17 -11.80 18.52
C LEU D 3 7.10 -12.84 18.21
N LYS D 4 6.36 -13.23 19.24
CA LYS D 4 5.29 -14.21 19.11
C LYS D 4 4.19 -13.61 18.21
N ASP D 5 3.76 -12.40 18.52
CA ASP D 5 2.72 -11.74 17.74
C ASP D 5 3.10 -11.46 16.29
N LYS D 6 4.37 -11.17 16.03
CA LYS D 6 4.80 -10.89 14.66
C LYS D 6 4.67 -12.16 13.84
N ILE D 7 4.88 -13.29 14.51
CA ILE D 7 4.81 -14.59 13.87
C ILE D 7 3.35 -14.91 13.56
N LEU D 8 2.49 -14.70 14.54
CA LEU D 8 1.06 -14.94 14.32
C LEU D 8 0.52 -14.03 13.23
N GLY D 9 0.96 -12.77 13.21
CA GLY D 9 0.50 -11.83 12.21
C GLY D 9 0.95 -12.21 10.82
N VAL D 10 2.26 -12.31 10.66
CA VAL D 10 2.85 -12.69 9.39
C VAL D 10 2.30 -14.02 8.87
N ALA D 11 2.09 -14.97 9.79
CA ALA D 11 1.58 -16.28 9.41
C ALA D 11 0.15 -16.22 8.88
N LYS D 12 -0.71 -15.48 9.58
CA LYS D 12 -2.09 -15.34 9.16
C LYS D 12 -2.10 -14.77 7.74
N GLU D 13 -1.32 -13.73 7.48
CA GLU D 13 -1.32 -13.16 6.14
C GLU D 13 -0.83 -14.13 5.08
N LEU D 14 0.24 -14.87 5.35
CA LEU D 14 0.74 -15.83 4.36
C LEU D 14 -0.28 -16.95 4.12
N PHE D 15 -0.83 -17.50 5.20
CA PHE D 15 -1.84 -18.54 5.06
C PHE D 15 -2.99 -18.04 4.18
N ILE D 16 -3.25 -16.73 4.24
CA ILE D 16 -4.31 -16.17 3.43
C ILE D 16 -3.89 -16.00 1.99
N LYS D 17 -2.68 -15.52 1.79
CA LYS D 17 -2.18 -15.28 0.45
C LYS D 17 -1.83 -16.55 -0.30
N ASN D 18 -1.13 -17.47 0.36
CA ASN D 18 -0.66 -18.70 -0.28
C ASN D 18 -1.45 -19.97 -0.04
N GLY D 19 -2.18 -20.01 1.06
CA GLY D 19 -2.93 -21.22 1.37
C GLY D 19 -2.08 -21.89 2.41
N TYR D 20 -2.55 -23.02 2.92
CA TYR D 20 -1.80 -23.72 3.95
C TYR D 20 -0.61 -24.53 3.47
N ASN D 21 -0.86 -25.46 2.58
CA ASN D 21 0.22 -26.34 2.13
C ASN D 21 1.34 -25.53 1.48
N ALA D 22 1.10 -24.33 0.96
CA ALA D 22 2.19 -23.59 0.32
C ALA D 22 2.92 -22.59 1.19
N THR D 23 2.69 -22.64 2.50
CA THR D 23 3.32 -21.69 3.42
C THR D 23 4.26 -22.42 4.35
N THR D 24 5.55 -22.12 4.26
CA THR D 24 6.53 -22.79 5.09
C THR D 24 6.97 -22.00 6.31
N THR D 25 7.32 -22.75 7.36
CA THR D 25 7.77 -22.16 8.61
C THR D 25 8.93 -21.20 8.39
N GLY D 26 9.76 -21.47 7.38
CA GLY D 26 10.90 -20.60 7.13
C GLY D 26 10.52 -19.21 6.66
N GLU D 27 9.56 -19.16 5.74
CA GLU D 27 9.07 -17.90 5.19
C GLU D 27 8.38 -17.09 6.28
N ILE D 28 7.61 -17.80 7.11
CA ILE D 28 6.88 -17.17 8.19
C ILE D 28 7.91 -16.44 9.04
N VAL D 29 8.94 -17.20 9.36
CA VAL D 29 10.01 -16.71 10.20
C VAL D 29 10.85 -15.62 9.56
N LYS D 30 11.05 -15.72 8.26
CA LYS D 30 11.84 -14.72 7.54
C LYS D 30 11.17 -13.35 7.65
N LEU D 31 9.94 -13.25 7.14
CA LEU D 31 9.19 -11.99 7.16
C LEU D 31 8.83 -11.56 8.57
N SER D 32 9.04 -12.41 9.56
CA SER D 32 8.71 -12.02 10.92
C SER D 32 9.94 -11.59 11.69
N GLU D 33 11.06 -11.47 10.97
CA GLU D 33 12.32 -11.10 11.60
C GLU D 33 12.50 -11.97 12.84
N SER D 34 12.37 -13.27 12.65
CA SER D 34 12.47 -14.25 13.72
C SER D 34 13.36 -15.41 13.27
N SER D 35 13.42 -16.46 14.09
CA SER D 35 14.22 -17.65 13.79
C SER D 35 13.35 -18.89 13.81
N LYS D 36 13.63 -19.84 12.92
CA LYS D 36 12.85 -21.08 12.90
C LYS D 36 12.82 -21.59 14.33
N GLY D 37 13.98 -21.56 14.99
CA GLY D 37 14.08 -22.02 16.36
C GLY D 37 13.10 -21.29 17.23
N ASN D 38 13.15 -19.96 17.17
CA ASN D 38 12.26 -19.12 17.95
C ASN D 38 10.78 -19.52 17.78
N LEU D 39 10.38 -19.75 16.53
CA LEU D 39 9.01 -20.13 16.22
C LEU D 39 8.59 -21.43 16.89
N TYR D 40 9.45 -22.46 16.76
CA TYR D 40 9.18 -23.78 17.33
C TYR D 40 9.01 -23.78 18.84
N TYR D 41 9.67 -22.85 19.52
CA TYR D 41 9.54 -22.75 20.97
C TYR D 41 8.16 -22.20 21.34
N HIS D 42 7.75 -21.13 20.65
CA HIS D 42 6.45 -20.49 20.91
C HIS D 42 5.29 -21.38 20.46
N PHE D 43 5.52 -22.12 19.38
CA PHE D 43 4.49 -23.00 18.86
C PHE D 43 5.18 -24.33 18.58
N LYS D 44 4.62 -25.43 19.08
CA LYS D 44 5.19 -26.75 18.88
C LYS D 44 5.53 -26.98 17.41
N THR D 45 4.53 -26.80 16.56
CA THR D 45 4.70 -27.02 15.12
C THR D 45 3.94 -26.02 14.25
N LYS D 46 4.04 -26.21 12.94
CA LYS D 46 3.34 -25.35 11.99
C LYS D 46 1.85 -25.52 12.17
N GLU D 47 1.45 -26.78 12.30
CA GLU D 47 0.05 -27.14 12.48
C GLU D 47 -0.46 -26.50 13.75
N ASN D 48 0.30 -26.61 14.84
CA ASN D 48 -0.13 -26.01 16.10
C ASN D 48 -0.31 -24.51 15.91
N LEU D 49 0.65 -23.89 15.21
CA LEU D 49 0.59 -22.46 14.95
C LEU D 49 -0.72 -22.13 14.22
N PHE D 50 -0.95 -22.84 13.11
CA PHE D 50 -2.14 -22.60 12.33
C PHE D 50 -3.40 -22.77 13.15
N LEU D 51 -3.41 -23.77 14.01
CA LEU D 51 -4.58 -24.02 14.83
C LEU D 51 -4.77 -22.90 15.88
N GLU D 52 -3.70 -22.26 16.29
CA GLU D 52 -3.81 -21.18 17.26
C GLU D 52 -4.36 -19.93 16.58
N ILE D 53 -4.09 -19.82 15.27
CA ILE D 53 -4.58 -18.69 14.49
C ILE D 53 -6.08 -18.86 14.27
N LEU D 54 -6.50 -20.08 13.96
CA LEU D 54 -7.89 -20.39 13.73
C LEU D 54 -8.66 -20.09 15.02
N ASN D 55 -8.01 -20.33 16.15
CA ASN D 55 -8.64 -20.09 17.43
C ASN D 55 -8.90 -18.61 17.58
N ILE D 56 -7.86 -17.81 17.41
CA ILE D 56 -7.98 -16.38 17.54
C ILE D 56 -8.98 -15.80 16.57
N GLU D 57 -9.02 -16.33 15.34
CA GLU D 57 -10.00 -15.82 14.40
C GLU D 57 -11.43 -16.06 14.91
N GLU D 58 -11.82 -17.32 15.14
CA GLU D 58 -13.18 -17.57 15.59
C GLU D 58 -13.55 -16.67 16.76
N SER D 59 -12.60 -16.43 17.65
CA SER D 59 -12.86 -15.59 18.81
C SER D 59 -13.13 -14.13 18.38
N LYS D 60 -12.16 -13.52 17.70
CA LYS D 60 -12.32 -12.15 17.23
C LYS D 60 -13.67 -12.04 16.49
N TRP D 61 -14.03 -13.10 15.79
CA TRP D 61 -15.26 -13.12 15.02
C TRP D 61 -16.49 -13.23 15.88
N GLN D 62 -16.40 -14.04 16.92
CA GLN D 62 -17.52 -14.25 17.83
C GLN D 62 -17.83 -12.92 18.48
N GLU D 63 -16.77 -12.27 18.96
CA GLU D 63 -16.87 -10.99 19.62
C GLU D 63 -17.51 -9.99 18.66
N GLN D 64 -16.94 -9.87 17.47
CA GLN D 64 -17.49 -8.95 16.49
C GLN D 64 -18.95 -9.18 16.21
N TRP D 65 -19.38 -10.44 16.18
CA TRP D 65 -20.79 -10.75 15.91
C TRP D 65 -21.64 -10.42 17.11
N LYS D 66 -21.06 -10.54 18.30
CA LYS D 66 -21.76 -10.27 19.54
C LYS D 66 -22.20 -8.82 19.59
N LYS D 67 -21.46 -7.94 18.95
CA LYS D 67 -21.79 -6.54 18.95
C LYS D 67 -22.68 -6.19 17.78
N GLU D 68 -22.30 -6.65 16.61
CA GLU D 68 -23.07 -6.37 15.42
C GLU D 68 -24.55 -6.76 15.53
N GLN D 69 -24.84 -7.97 15.99
CA GLN D 69 -26.22 -8.45 16.10
C GLN D 69 -27.15 -7.59 16.95
N ILE D 70 -26.58 -6.83 17.88
CA ILE D 70 -27.38 -5.95 18.72
C ILE D 70 -28.08 -4.91 17.87
N LYS D 71 -27.68 -4.80 16.60
CA LYS D 71 -28.29 -3.82 15.70
C LYS D 71 -29.49 -4.35 14.92
N CYS D 72 -29.78 -5.64 15.08
CA CYS D 72 -30.91 -6.23 14.36
C CYS D 72 -32.02 -6.65 15.31
N LYS D 73 -33.20 -6.07 15.09
CA LYS D 73 -34.37 -6.33 15.92
C LYS D 73 -34.73 -7.81 15.90
N THR D 74 -35.29 -8.23 14.77
CA THR D 74 -35.75 -9.60 14.56
C THR D 74 -34.67 -10.57 14.10
N ASN D 75 -34.87 -11.86 14.37
CA ASN D 75 -33.93 -12.90 13.96
C ASN D 75 -33.87 -12.91 12.45
N ARG D 76 -35.03 -12.76 11.80
CA ARG D 76 -35.09 -12.72 10.34
C ARG D 76 -34.10 -11.63 9.92
N GLU D 77 -33.89 -10.67 10.81
CA GLU D 77 -32.98 -9.55 10.54
C GLU D 77 -31.52 -9.93 10.79
N LYS D 78 -31.25 -10.58 11.92
CA LYS D 78 -29.90 -11.01 12.25
C LYS D 78 -29.28 -11.88 11.15
N PHE D 79 -30.09 -12.76 10.58
CA PHE D 79 -29.64 -13.65 9.51
C PHE D 79 -29.17 -12.81 8.31
N TYR D 80 -30.00 -11.85 7.91
CA TYR D 80 -29.64 -10.97 6.80
C TYR D 80 -28.33 -10.29 7.15
N LEU D 81 -28.32 -9.61 8.30
CA LEU D 81 -27.14 -8.91 8.76
C LEU D 81 -25.94 -9.84 8.76
N TYR D 82 -25.95 -10.86 9.62
CA TYR D 82 -24.84 -11.82 9.71
C TYR D 82 -24.22 -12.24 8.37
N ASN D 83 -25.03 -12.65 7.40
CA ASN D 83 -24.53 -13.08 6.09
C ASN D 83 -23.89 -11.93 5.31
N GLU D 84 -24.14 -10.72 5.77
CA GLU D 84 -23.59 -9.53 5.13
C GLU D 84 -22.20 -9.27 5.69
N LEU D 85 -22.07 -9.36 7.01
CA LEU D 85 -20.78 -9.13 7.61
C LEU D 85 -19.79 -10.15 7.09
N SER D 86 -20.26 -11.37 6.85
CA SER D 86 -19.38 -12.41 6.36
C SER D 86 -18.64 -11.94 5.12
N LEU D 87 -19.31 -11.13 4.30
CA LEU D 87 -18.70 -10.61 3.07
C LEU D 87 -17.61 -9.59 3.35
N THR D 88 -17.72 -8.92 4.48
CA THR D 88 -16.79 -7.85 4.80
C THR D 88 -15.85 -8.07 5.96
N THR D 89 -16.19 -8.96 6.89
CA THR D 89 -15.34 -9.19 8.05
C THR D 89 -13.96 -9.60 7.59
N GLU D 90 -12.96 -9.31 8.41
CA GLU D 90 -11.60 -9.62 8.08
C GLU D 90 -11.26 -10.93 8.76
N TYR D 91 -12.20 -11.45 9.53
CA TYR D 91 -11.94 -12.68 10.26
C TYR D 91 -12.47 -13.97 9.67
N TYR D 92 -11.73 -15.04 9.93
CA TYR D 92 -12.12 -16.37 9.50
C TYR D 92 -12.37 -16.58 8.01
N TYR D 93 -13.28 -15.83 7.42
CA TYR D 93 -13.58 -16.05 6.01
C TYR D 93 -12.41 -15.97 5.03
N PRO D 94 -11.42 -15.11 5.30
CA PRO D 94 -10.31 -15.06 4.34
C PRO D 94 -9.44 -16.33 4.38
N LEU D 95 -9.40 -16.99 5.53
CA LEU D 95 -8.62 -18.21 5.69
C LEU D 95 -9.36 -19.47 5.23
N GLN D 96 -10.45 -19.34 4.48
CA GLN D 96 -11.18 -20.54 4.04
C GLN D 96 -10.26 -21.45 3.26
N ASN D 97 -9.54 -20.85 2.34
CA ASN D 97 -8.64 -21.60 1.51
C ASN D 97 -7.73 -22.44 2.39
N ALA D 98 -6.91 -21.77 3.17
CA ALA D 98 -5.99 -22.45 4.06
C ALA D 98 -6.69 -23.47 4.97
N ILE D 99 -7.98 -23.29 5.22
CA ILE D 99 -8.69 -24.21 6.10
C ILE D 99 -9.14 -25.49 5.40
N ILE D 100 -9.61 -25.43 4.17
CA ILE D 100 -10.02 -26.67 3.55
C ILE D 100 -8.76 -27.51 3.35
N GLU D 101 -7.68 -26.84 2.98
CA GLU D 101 -6.40 -27.53 2.79
C GLU D 101 -5.97 -28.22 4.08
N PHE D 102 -5.92 -27.46 5.17
CA PHE D 102 -5.52 -27.97 6.47
C PHE D 102 -6.35 -29.17 6.90
N TYR D 103 -7.67 -28.98 6.87
CA TYR D 103 -8.60 -30.02 7.28
C TYR D 103 -8.48 -31.32 6.50
N THR D 104 -8.32 -31.27 5.18
CA THR D 104 -8.21 -32.52 4.43
C THR D 104 -6.92 -33.22 4.85
N GLU D 105 -5.85 -32.46 4.98
CA GLU D 105 -4.58 -33.02 5.36
C GLU D 105 -4.55 -33.50 6.81
N TYR D 106 -5.50 -33.05 7.63
CA TYR D 106 -5.47 -33.44 9.03
C TYR D 106 -6.71 -34.03 9.68
N TYR D 107 -7.77 -34.29 8.91
CA TYR D 107 -8.99 -34.84 9.53
C TYR D 107 -8.76 -36.28 9.97
N LYS D 108 -7.61 -36.83 9.61
CA LYS D 108 -7.24 -38.20 9.96
C LYS D 108 -6.70 -38.27 11.39
N THR D 109 -6.17 -37.15 11.89
CA THR D 109 -5.66 -37.09 13.26
C THR D 109 -6.88 -36.94 14.18
N ASN D 110 -6.76 -37.39 15.43
CA ASN D 110 -7.89 -37.31 16.35
C ASN D 110 -7.97 -36.03 17.18
N SER D 111 -6.84 -35.56 17.65
CA SER D 111 -6.82 -34.34 18.45
C SER D 111 -7.07 -33.16 17.52
N ILE D 112 -6.29 -33.08 16.45
CA ILE D 112 -6.44 -32.01 15.47
C ILE D 112 -7.90 -31.93 15.03
N ASN D 113 -8.43 -33.06 14.59
CA ASN D 113 -9.82 -33.15 14.13
C ASN D 113 -10.82 -32.76 15.22
N GLU D 114 -10.61 -33.18 16.47
CA GLU D 114 -11.54 -32.84 17.55
C GLU D 114 -11.50 -31.34 17.81
N LYS D 115 -10.31 -30.80 17.98
CA LYS D 115 -10.16 -29.36 18.22
C LYS D 115 -10.80 -28.65 17.03
N MET D 116 -10.61 -29.25 15.86
CA MET D 116 -11.11 -28.75 14.59
C MET D 116 -12.64 -28.68 14.57
N ASN D 117 -13.29 -29.79 14.86
CA ASN D 117 -14.74 -29.84 14.87
C ASN D 117 -15.34 -28.99 15.98
N LYS D 118 -14.58 -28.76 17.05
CA LYS D 118 -15.06 -27.93 18.13
C LYS D 118 -15.19 -26.52 17.55
N LEU D 119 -14.26 -26.18 16.65
CA LEU D 119 -14.25 -24.88 16.00
C LEU D 119 -15.36 -24.79 14.96
N GLU D 120 -15.44 -25.80 14.10
CA GLU D 120 -16.48 -25.82 13.08
C GLU D 120 -17.85 -25.67 13.75
N ASN D 121 -17.99 -26.21 14.95
CA ASN D 121 -19.26 -26.13 15.66
C ASN D 121 -19.64 -24.71 16.03
N LYS D 122 -18.70 -23.96 16.60
CA LYS D 122 -18.99 -22.59 16.99
C LYS D 122 -19.47 -21.78 15.80
N TYR D 123 -18.75 -21.89 14.70
CA TYR D 123 -19.12 -21.16 13.51
C TYR D 123 -20.56 -21.45 13.11
N ILE D 124 -21.01 -22.69 13.23
CA ILE D 124 -22.39 -23.02 12.87
C ILE D 124 -23.37 -22.56 13.95
N ASP D 125 -22.92 -22.59 15.20
CA ASP D 125 -23.77 -22.20 16.31
C ASP D 125 -24.40 -20.83 16.09
N ALA D 126 -23.67 -19.94 15.43
CA ALA D 126 -24.20 -18.61 15.18
C ALA D 126 -25.53 -18.77 14.46
N TYR D 127 -25.54 -19.61 13.44
CA TYR D 127 -26.74 -19.86 12.66
C TYR D 127 -27.78 -20.61 13.50
N HIS D 128 -27.31 -21.52 14.35
CA HIS D 128 -28.19 -22.30 15.19
C HIS D 128 -29.02 -21.37 16.09
N VAL D 129 -28.34 -20.44 16.76
CA VAL D 129 -29.01 -19.48 17.64
C VAL D 129 -30.03 -18.63 16.91
N ILE D 130 -29.69 -18.19 15.70
CA ILE D 130 -30.61 -17.37 14.95
C ILE D 130 -31.86 -18.16 14.59
N PHE D 131 -31.68 -19.42 14.23
CA PHE D 131 -32.81 -20.26 13.87
C PHE D 131 -33.60 -20.72 15.09
N LYS D 132 -32.92 -21.10 16.16
CA LYS D 132 -33.63 -21.54 17.35
C LYS D 132 -34.48 -20.38 17.87
N GLU D 133 -33.80 -19.30 18.26
CA GLU D 133 -34.49 -18.12 18.77
C GLU D 133 -35.58 -17.67 17.82
N GLY D 134 -35.33 -17.86 16.52
CA GLY D 134 -36.33 -17.47 15.54
C GLY D 134 -37.58 -18.33 15.64
N ASN D 135 -37.37 -19.62 15.93
CA ASN D 135 -38.49 -20.56 16.06
C ASN D 135 -39.49 -20.06 17.09
N LEU D 136 -39.12 -20.14 18.36
CA LEU D 136 -39.99 -19.69 19.43
C LEU D 136 -40.23 -18.18 19.37
N ASN D 137 -40.25 -17.66 18.15
CA ASN D 137 -40.48 -16.25 17.90
C ASN D 137 -41.44 -16.07 16.74
N GLY D 138 -42.01 -17.18 16.29
CA GLY D 138 -42.97 -17.13 15.19
C GLY D 138 -42.44 -16.48 13.94
N GLU D 139 -41.13 -16.32 13.84
CA GLU D 139 -40.54 -15.72 12.66
C GLU D 139 -40.50 -16.83 11.62
N TRP D 140 -40.60 -18.05 12.12
CA TRP D 140 -40.59 -19.23 11.27
C TRP D 140 -40.66 -20.48 12.16
N SER D 141 -40.67 -21.63 11.51
CA SER D 141 -40.70 -22.91 12.20
C SER D 141 -39.79 -23.81 11.38
N ILE D 142 -38.68 -24.23 11.97
CA ILE D 142 -37.71 -25.08 11.29
C ILE D 142 -37.64 -26.49 11.84
N ASN D 143 -38.10 -27.44 11.03
CA ASN D 143 -38.08 -28.85 11.39
C ASN D 143 -36.75 -29.17 12.06
N ASP D 144 -35.72 -29.12 11.25
CA ASP D 144 -34.35 -29.44 11.64
C ASP D 144 -33.46 -28.21 11.71
N VAL D 145 -33.07 -27.77 12.90
CA VAL D 145 -32.23 -26.58 13.02
C VAL D 145 -30.78 -26.86 12.66
N ASN D 146 -30.20 -27.85 13.33
CA ASN D 146 -28.81 -28.20 13.09
C ASN D 146 -28.51 -28.45 11.61
N ALA D 147 -29.48 -29.00 10.90
CA ALA D 147 -29.29 -29.27 9.49
C ALA D 147 -29.25 -27.99 8.69
N VAL D 148 -30.26 -27.15 8.88
CA VAL D 148 -30.35 -25.87 8.18
C VAL D 148 -29.20 -24.95 8.60
N SER D 149 -28.74 -25.08 9.84
CA SER D 149 -27.63 -24.28 10.31
C SER D 149 -26.37 -24.62 9.52
N LYS D 150 -26.06 -25.91 9.39
CA LYS D 150 -24.87 -26.31 8.62
C LYS D 150 -25.01 -25.83 7.17
N ILE D 151 -26.19 -26.01 6.60
CA ILE D 151 -26.46 -25.61 5.22
C ILE D 151 -26.24 -24.10 5.04
N ALA D 152 -26.83 -23.31 5.93
CA ALA D 152 -26.69 -21.88 5.83
C ALA D 152 -25.21 -21.57 5.77
N ALA D 153 -24.55 -21.84 6.88
CA ALA D 153 -23.11 -21.61 7.03
C ALA D 153 -22.33 -21.95 5.79
N ASN D 154 -22.49 -23.15 5.27
CA ASN D 154 -21.75 -23.54 4.09
C ASN D 154 -22.21 -22.90 2.80
N ALA D 155 -23.51 -22.64 2.68
CA ALA D 155 -23.98 -22.00 1.46
C ALA D 155 -23.45 -20.57 1.45
N VAL D 156 -23.55 -19.89 2.61
CA VAL D 156 -23.08 -18.52 2.72
C VAL D 156 -21.59 -18.43 2.48
N ASN D 157 -20.85 -19.37 3.04
CA ASN D 157 -19.41 -19.39 2.87
C ASN D 157 -19.09 -19.48 1.37
N GLY D 158 -19.91 -20.22 0.65
CA GLY D 158 -19.69 -20.36 -0.78
C GLY D 158 -19.86 -19.05 -1.53
N ILE D 159 -20.85 -18.25 -1.13
CA ILE D 159 -21.07 -16.98 -1.79
C ILE D 159 -19.95 -16.03 -1.38
N VAL D 160 -19.47 -16.17 -0.15
CA VAL D 160 -18.39 -15.32 0.30
C VAL D 160 -17.07 -15.65 -0.38
N THR D 161 -16.62 -16.89 -0.30
CA THR D 161 -15.35 -17.21 -0.92
C THR D 161 -15.41 -17.47 -2.42
N PHE D 162 -16.58 -17.38 -3.04
CA PHE D 162 -16.63 -17.60 -4.49
C PHE D 162 -17.01 -16.36 -5.29
N THR D 163 -17.05 -15.21 -4.62
CA THR D 163 -17.36 -13.95 -5.28
C THR D 163 -16.35 -12.90 -4.80
N HIS D 164 -15.24 -13.34 -4.21
CA HIS D 164 -14.22 -12.42 -3.67
C HIS D 164 -13.62 -11.46 -4.68
N GLU D 165 -13.74 -11.79 -5.96
CA GLU D 165 -13.20 -10.92 -7.01
C GLU D 165 -14.09 -9.69 -7.15
N GLN D 166 -15.38 -9.92 -7.39
CA GLN D 166 -16.37 -8.85 -7.55
C GLN D 166 -16.24 -7.62 -6.66
N ASN D 167 -17.04 -6.60 -6.96
CA ASN D 167 -17.02 -5.38 -6.16
C ASN D 167 -17.96 -5.56 -4.97
N ILE D 168 -17.51 -5.11 -3.81
CA ILE D 168 -18.28 -5.29 -2.58
C ILE D 168 -19.76 -4.94 -2.57
N ASN D 169 -20.17 -3.89 -3.26
CA ASN D 169 -21.58 -3.55 -3.22
C ASN D 169 -22.43 -4.54 -4.02
N GLU D 170 -21.80 -5.16 -5.01
CA GLU D 170 -22.51 -6.14 -5.82
C GLU D 170 -22.66 -7.39 -4.94
N ARG D 171 -21.57 -7.76 -4.28
CA ARG D 171 -21.59 -8.91 -3.40
C ARG D 171 -22.75 -8.74 -2.42
N ILE D 172 -22.69 -7.71 -1.59
CA ILE D 172 -23.76 -7.48 -0.65
C ILE D 172 -25.15 -7.58 -1.34
N LYS D 173 -25.22 -7.23 -2.62
CA LYS D 173 -26.51 -7.31 -3.31
C LYS D 173 -26.94 -8.77 -3.48
N LEU D 174 -26.04 -9.60 -4.02
CA LEU D 174 -26.31 -11.02 -4.21
C LEU D 174 -26.61 -11.69 -2.87
N MET D 175 -25.71 -11.49 -1.90
CA MET D 175 -25.88 -12.07 -0.58
C MET D 175 -27.25 -11.74 0.03
N ASN D 176 -27.88 -10.67 -0.43
CA ASN D 176 -29.18 -10.31 0.11
C ASN D 176 -30.29 -11.06 -0.60
N LYS D 177 -30.12 -11.29 -1.90
CA LYS D 177 -31.13 -12.02 -2.66
C LYS D 177 -31.14 -13.44 -2.10
N PHE D 178 -29.95 -13.98 -1.84
CA PHE D 178 -29.86 -15.32 -1.27
C PHE D 178 -30.55 -15.30 0.08
N SER D 179 -30.11 -14.43 0.98
CA SER D 179 -30.70 -14.37 2.30
C SER D 179 -32.22 -14.36 2.28
N GLN D 180 -32.79 -13.69 1.28
CA GLN D 180 -34.23 -13.61 1.13
C GLN D 180 -34.69 -14.97 0.69
N ILE D 181 -34.43 -15.30 -0.58
CA ILE D 181 -34.78 -16.58 -1.15
C ILE D 181 -34.74 -17.67 -0.10
N PHE D 182 -33.62 -17.76 0.59
CA PHE D 182 -33.46 -18.80 1.58
C PHE D 182 -34.40 -18.69 2.76
N LEU D 183 -34.52 -17.50 3.34
CA LEU D 183 -35.41 -17.36 4.49
C LEU D 183 -36.84 -17.60 4.04
N ASN D 184 -37.04 -17.51 2.73
CA ASN D 184 -38.35 -17.70 2.13
C ASN D 184 -38.68 -19.19 2.05
N GLY D 185 -37.78 -19.98 1.48
CA GLY D 185 -37.97 -21.41 1.36
C GLY D 185 -38.19 -22.11 2.69
N LEU D 186 -38.23 -21.35 3.77
CA LEU D 186 -38.46 -21.92 5.09
C LEU D 186 -39.93 -21.71 5.40
N SER D 187 -40.39 -22.23 6.54
CA SER D 187 -41.79 -22.06 6.89
C SER D 187 -41.93 -21.54 8.32
S SO4 E . 33.40 43.48 4.86
O1 SO4 E . 33.00 43.28 6.27
O2 SO4 E . 33.82 44.88 4.66
O3 SO4 E . 34.54 42.59 4.56
O4 SO4 E . 32.27 43.16 3.96
S SO4 F . 36.11 30.43 12.26
O1 SO4 F . 35.38 31.28 13.22
O2 SO4 F . 35.15 29.88 11.29
O3 SO4 F . 37.09 31.27 11.54
O4 SO4 F . 36.79 29.32 12.95
S SO4 G . 32.09 34.68 28.65
O1 SO4 G . 31.66 34.75 30.06
O2 SO4 G . 31.64 35.89 27.93
O3 SO4 G . 33.56 34.59 28.59
O4 SO4 G . 31.49 33.48 28.02
S SO4 H . 8.74 24.04 24.18
O1 SO4 H . 7.95 23.49 23.06
O2 SO4 H . 8.44 23.29 25.41
O3 SO4 H . 10.18 23.92 23.86
O4 SO4 H . 8.41 25.47 24.37
S SO4 I . 39.35 35.08 14.23
O1 SO4 I . 38.59 35.93 15.15
O2 SO4 I . 38.41 34.40 13.32
O3 SO4 I . 40.27 35.92 13.44
O4 SO4 I . 40.13 34.07 14.99
S SO4 J . 6.86 -21.59 -14.43
O1 SO4 J . 8.16 -20.91 -14.41
O2 SO4 J . 5.94 -20.85 -15.32
O3 SO4 J . 7.05 -22.96 -14.94
O4 SO4 J . 6.30 -21.64 -13.07
S SO4 K . 3.78 -35.95 -27.36
O1 SO4 K . 4.93 -35.05 -27.56
O2 SO4 K . 2.61 -35.43 -28.11
O3 SO4 K . 4.11 -37.30 -27.87
O4 SO4 K . 3.45 -36.03 -25.93
S SO4 L . 11.47 -28.16 -8.10
O1 SO4 L . 11.48 -29.62 -7.99
O2 SO4 L . 12.20 -27.75 -9.33
O3 SO4 L . 10.08 -27.66 -8.18
O4 SO4 L . 12.13 -27.56 -6.92
S SO4 M . 3.09 -19.76 -11.02
O1 SO4 M . 2.91 -18.39 -10.50
O2 SO4 M . 2.97 -19.74 -12.50
O3 SO4 M . 4.43 -20.27 -10.63
O4 SO4 M . 2.05 -20.64 -10.46
S SO4 N . -7.05 -37.00 -3.16
O1 SO4 N . -6.54 -38.25 -2.58
O2 SO4 N . -7.70 -37.30 -4.45
O3 SO4 N . -8.03 -36.39 -2.24
O4 SO4 N . -5.92 -36.07 -3.38
S SO4 O . -32.36 -15.49 -21.95
O1 SO4 O . -31.31 -16.13 -22.76
O2 SO4 O . -33.62 -15.43 -22.72
O3 SO4 O . -31.94 -14.12 -21.58
O4 SO4 O . -32.58 -16.27 -20.72
S SO4 P . -9.06 1.21 -1.17
O1 SO4 P . -7.78 1.05 -1.88
O2 SO4 P . -10.17 0.85 -2.09
O3 SO4 P . -9.21 2.62 -0.73
O4 SO4 P . -9.10 0.32 -0.01
S SO4 Q . 1.50 -7.12 -0.70
O1 SO4 Q . 2.30 -6.93 -1.93
O2 SO4 Q . 0.10 -6.75 -0.97
O3 SO4 Q . 2.07 -6.28 0.38
O4 SO4 Q . 1.55 -8.55 -0.30
S SO4 R . -5.10 -6.00 16.58
O1 SO4 R . -4.88 -6.01 18.05
O2 SO4 R . -6.41 -6.59 16.29
O3 SO4 R . -5.05 -4.61 16.11
O4 SO4 R . -4.04 -6.80 15.93
S SO4 S . -1.54 7.42 -1.54
O1 SO4 S . -2.94 7.93 -1.44
O2 SO4 S . -1.54 5.96 -1.40
O3 SO4 S . -1.00 7.80 -2.85
O4 SO4 S . -0.72 8.02 -0.47
S SO4 T . -4.28 -7.64 2.06
O1 SO4 T . -4.02 -8.04 3.45
O2 SO4 T . -5.68 -7.95 1.71
O3 SO4 T . -4.06 -6.20 1.89
O4 SO4 T . -3.37 -8.38 1.15
S SO4 U . -13.74 0.16 1.88
O1 SO4 U . -12.92 -0.92 2.45
O2 SO4 U . -14.70 0.64 2.88
O3 SO4 U . -12.87 1.28 1.48
O4 SO4 U . -14.46 -0.35 0.70
S SO4 V . 21.02 7.35 -20.75
O1 SO4 V . 21.50 8.66 -21.22
O2 SO4 V . 21.31 6.32 -21.75
O3 SO4 V . 21.69 7.01 -19.48
O4 SO4 V . 19.55 7.39 -20.53
C1 PRL W . 3.72 14.99 -5.28
C2 PRL W . 3.17 16.23 -5.59
C3 PRL W . 3.71 17.37 -5.06
C4 PRL W . 4.79 17.30 -4.22
C5 PRL W . 8.03 14.80 -1.88
C6 PRL W . 8.61 13.60 -1.53
C7 PRL W . 8.10 12.42 -2.05
C8 PRL W . 7.02 12.44 -2.91
C9 PRL W . 5.35 13.68 -4.11
N10 PRL W . 6.41 16.03 -3.05
C11 PRL W . 5.33 16.07 -3.90
C12 PRL W . 6.44 13.62 -3.25
C13 PRL W . 4.79 14.91 -4.44
C14 PRL W . 6.97 14.82 -2.72
N15 PRL W . 3.21 18.58 -5.34
N16 PRL W . 9.66 13.62 -0.68
S SO4 X . 11.61 -23.57 4.91
O1 SO4 X . 13.01 -23.47 5.34
O2 SO4 X . 11.13 -22.24 4.48
O3 SO4 X . 11.50 -24.49 3.75
O4 SO4 X . 10.78 -24.08 6.02
S SO4 Y . 6.77 -28.13 10.85
O1 SO4 Y . 7.68 -29.28 10.72
O2 SO4 Y . 6.32 -28.02 12.25
O3 SO4 Y . 7.50 -26.91 10.45
O4 SO4 Y . 5.61 -28.32 9.96
S SO4 Z . -4.50 -13.52 14.43
O1 SO4 Z . -3.49 -13.86 15.44
O2 SO4 Z . -5.57 -12.72 15.06
O3 SO4 Z . -3.88 -12.72 13.36
O4 SO4 Z . -5.08 -14.76 13.86
S SO4 AA . 3.07 -7.14 16.17
O1 SO4 AA . 2.05 -8.14 16.51
O2 SO4 AA . 3.88 -7.60 15.03
O3 SO4 AA . 2.40 -5.87 15.83
O4 SO4 AA . 3.96 -6.92 17.33
S SO4 BA . 4.22 -18.44 24.64
O1 SO4 BA . 3.15 -19.45 24.83
O2 SO4 BA . 4.45 -18.23 23.20
O3 SO4 BA . 3.81 -17.16 25.27
O4 SO4 BA . 5.47 -18.92 25.27
S SO4 CA . -13.47 -38.70 2.87
O1 SO4 CA . -12.95 -40.00 3.32
O2 SO4 CA . -14.80 -38.46 3.48
O3 SO4 CA . -12.54 -37.63 3.29
O4 SO4 CA . -13.60 -38.70 1.40
S SO4 DA . -32.07 -26.78 20.80
O1 SO4 DA . -30.75 -26.35 21.29
O2 SO4 DA . -33.06 -26.66 21.88
O3 SO4 DA . -32.48 -25.94 19.66
O4 SO4 DA . -31.98 -28.18 20.35
S SO4 EA . -32.05 -33.46 7.40
O1 SO4 EA . -31.58 -34.27 8.55
O2 SO4 EA . -32.62 -32.20 7.90
O3 SO4 EA . -30.90 -33.16 6.52
O4 SO4 EA . -33.08 -34.20 6.64
#